data_6XF2
#
_entry.id   6XF2
#
_cell.length_a   209.367
_cell.length_b   142.051
_cell.length_c   58.047
_cell.angle_alpha   90.000
_cell.angle_beta   106.311
_cell.angle_gamma   90.000
#
_symmetry.space_group_name_H-M   'C 1 2 1'
#
loop_
_entity.id
_entity.type
_entity.pdbx_description
1 polymer Nesprin-1
2 polymer 'FH1/FH2 domain-containing protein 1'
#
loop_
_entity_poly.entity_id
_entity_poly.type
_entity_poly.pdbx_seq_one_letter_code
_entity_poly.pdbx_strand_id
1 'polypeptide(L)'
;TKRLIHENQGQCCGLIDLMREYQNLKSAVSKVLENASSVIVTRTTIKDQEDLKWAFSKHETAKNKMNYKQKDLDNFTSKG
KHLLSELKKIHSSDFSLVKTDMESTVDKWLDVSEKLEENMDRLRVSLSIWD
;
A,C
2 'polypeptide(L)'
;SVVTVRVQYLEDTDPFACANFPEPRRAPTCSLDGALPLGAQIPAVHRLLGAPLKLEDCALQVSPSGYYLDTELSLEEQRE
MLEGFYEEISKGRKPTLILRTQLSVRVNAILEKLYSSSGPELRRSLFSLKQIFQEDKDLVPEFVHSEGLSCLIRVGAAAD
HNYQSYILRALGQLMLFVDGMLGVVAHSDTIQWLYTLCASLSRLVVKTALKLLLVFVEYSENNAPLFIRAVNSVASTTGA
PPWANLVSILEEKNGADPELLVYTVTLINKTLAALPDQDSFYDVTDALEQQGMEALVQRHLGTAGTDVDLRTQLVLYENA
L
;
B,D
#
# COMPACT_ATOMS: atom_id res chain seq x y z
N THR A 1 59.69 30.41 -1.84
CA THR A 1 59.40 29.50 -2.94
C THR A 1 60.03 28.13 -2.70
N LYS A 2 61.28 28.12 -2.20
CA LYS A 2 62.04 26.88 -1.94
C LYS A 2 61.30 25.93 -0.99
N ARG A 3 60.36 26.47 -0.26
CA ARG A 3 59.55 25.68 0.66
C ARG A 3 58.74 24.62 -0.06
N LEU A 4 58.19 24.93 -1.24
CA LEU A 4 57.36 23.92 -1.91
C LEU A 4 58.18 22.69 -2.27
N ILE A 5 59.49 22.87 -2.47
CA ILE A 5 60.35 21.71 -2.52
C ILE A 5 60.27 21.00 -1.19
N HIS A 6 60.54 21.75 -0.11
CA HIS A 6 60.44 21.14 1.22
C HIS A 6 59.10 20.42 1.46
N GLU A 7 58.03 20.95 0.88
CA GLU A 7 56.68 20.38 1.00
C GLU A 7 56.55 19.03 0.30
N ASN A 8 56.80 18.98 -1.01
CA ASN A 8 56.74 17.69 -1.68
C ASN A 8 57.64 16.67 -1.00
N GLN A 9 58.83 17.10 -0.58
CA GLN A 9 59.76 16.18 0.05
C GLN A 9 59.24 15.72 1.39
N GLY A 10 58.51 16.59 2.09
CA GLY A 10 57.78 16.19 3.27
C GLY A 10 56.64 15.23 2.98
N GLN A 11 56.02 15.36 1.80
CA GLN A 11 55.04 14.37 1.38
C GLN A 11 55.68 12.99 1.27
N CYS A 12 56.87 12.95 0.69
CA CYS A 12 57.56 11.68 0.59
C CYS A 12 58.01 11.20 1.97
N CYS A 13 58.40 12.14 2.83
CA CYS A 13 58.76 11.81 4.21
C CYS A 13 57.59 11.21 4.97
N GLY A 14 56.43 11.87 4.90
CA GLY A 14 55.28 11.39 5.63
C GLY A 14 54.83 10.03 5.15
N LEU A 15 54.98 9.75 3.84
CA LEU A 15 54.61 8.40 3.41
C LEU A 15 55.64 7.35 3.84
N ILE A 16 56.90 7.75 3.97
CA ILE A 16 57.93 6.81 4.44
C ILE A 16 57.73 6.42 5.89
N ASP A 17 57.63 7.40 6.79
CA ASP A 17 57.29 7.02 8.16
C ASP A 17 55.89 6.42 8.28
N LEU A 18 55.04 6.62 7.28
CA LEU A 18 53.69 6.04 7.26
C LEU A 18 53.76 4.53 7.21
N MET A 19 54.44 4.02 6.21
CA MET A 19 54.47 2.56 6.18
C MET A 19 55.56 1.97 7.05
N ARG A 20 56.51 2.77 7.54
CA ARG A 20 57.32 2.25 8.62
C ARG A 20 56.46 2.04 9.86
N GLU A 21 55.50 2.94 10.09
CA GLU A 21 54.48 2.73 11.12
C GLU A 21 53.65 1.48 10.86
N TYR A 22 53.18 1.32 9.62
CA TYR A 22 52.42 0.12 9.29
C TYR A 22 53.22 -1.13 9.66
N GLN A 23 54.53 -1.09 9.41
CA GLN A 23 55.39 -2.26 9.65
C GLN A 23 55.55 -2.57 11.14
N ASN A 24 55.79 -1.53 11.95
CA ASN A 24 55.98 -1.80 13.38
C ASN A 24 54.69 -2.32 14.01
N LEU A 25 53.56 -1.73 13.65
CA LEU A 25 52.30 -2.31 14.11
C LEU A 25 52.20 -3.77 13.69
N LYS A 26 52.31 -4.02 12.37
CA LYS A 26 52.26 -5.36 11.81
C LYS A 26 53.12 -6.37 12.55
N SER A 27 54.20 -5.93 13.19
CA SER A 27 55.05 -6.89 13.93
C SER A 27 54.19 -7.64 14.94
N ALA A 28 53.55 -6.87 15.81
CA ALA A 28 52.69 -7.44 16.83
C ALA A 28 51.58 -8.26 16.17
N VAL A 29 51.04 -7.72 15.07
CA VAL A 29 49.98 -8.38 14.35
C VAL A 29 50.42 -9.80 13.99
N SER A 30 51.59 -9.92 13.37
CA SER A 30 52.18 -11.21 13.04
C SER A 30 52.21 -12.13 14.26
N LYS A 31 52.78 -11.65 15.37
CA LYS A 31 52.80 -12.50 16.56
C LYS A 31 51.40 -13.03 16.89
N VAL A 32 50.41 -12.13 16.99
CA VAL A 32 49.05 -12.54 17.30
C VAL A 32 48.55 -13.59 16.32
N LEU A 33 48.63 -13.27 15.03
CA LEU A 33 48.22 -14.15 13.94
C LEU A 33 48.84 -15.54 14.07
N GLU A 34 50.16 -15.57 14.22
CA GLU A 34 50.90 -16.80 14.41
C GLU A 34 50.21 -17.60 15.49
N ASN A 35 50.04 -16.98 16.66
CA ASN A 35 49.38 -17.64 17.78
C ASN A 35 48.00 -18.15 17.38
N ALA A 36 47.25 -17.34 16.63
CA ALA A 36 45.92 -17.74 16.17
C ALA A 36 46.02 -19.10 15.48
N SER A 37 46.86 -19.18 14.46
CA SER A 37 47.09 -20.44 13.76
C SER A 37 47.46 -21.56 14.74
N SER A 38 48.50 -21.32 15.55
CA SER A 38 49.02 -22.23 16.58
C SER A 38 47.99 -22.97 17.45
N VAL A 39 47.03 -22.24 18.03
CA VAL A 39 46.18 -22.84 19.06
C VAL A 39 45.42 -24.04 18.52
N ILE A 40 45.59 -24.32 17.22
CA ILE A 40 44.81 -25.33 16.54
C ILE A 40 45.13 -26.72 17.09
N VAL A 41 44.19 -27.62 16.86
CA VAL A 41 44.34 -29.03 17.17
C VAL A 41 43.28 -29.77 16.37
N THR A 42 43.71 -30.59 15.43
CA THR A 42 42.78 -31.41 14.65
C THR A 42 42.03 -32.35 15.58
N ASP A 48 38.99 -40.69 24.97
CA ASP A 48 38.29 -41.12 26.18
C ASP A 48 37.10 -40.20 26.49
N GLN A 49 36.23 -40.64 27.40
CA GLN A 49 35.07 -39.85 27.77
C GLN A 49 35.48 -38.67 28.66
N GLU A 50 36.28 -38.95 29.68
CA GLU A 50 37.01 -37.88 30.35
C GLU A 50 37.69 -37.00 29.32
N ASP A 51 38.37 -37.63 28.35
CA ASP A 51 39.04 -36.89 27.30
C ASP A 51 38.08 -36.01 26.50
N LEU A 52 36.94 -36.55 26.06
CA LEU A 52 36.03 -35.73 25.29
C LEU A 52 35.59 -34.55 26.12
N LYS A 53 35.21 -34.81 27.36
CA LYS A 53 34.79 -33.75 28.26
C LYS A 53 35.90 -32.72 28.42
N TRP A 54 37.12 -33.20 28.62
CA TRP A 54 38.25 -32.32 28.77
C TRP A 54 38.38 -31.47 27.54
N ALA A 55 38.19 -32.08 26.38
CA ALA A 55 38.26 -31.35 25.12
C ALA A 55 37.21 -30.25 25.05
N PHE A 56 35.99 -30.53 25.47
CA PHE A 56 35.01 -29.47 25.42
C PHE A 56 35.37 -28.33 26.37
N SER A 57 35.94 -28.69 27.53
CA SER A 57 36.35 -27.73 28.56
C SER A 57 37.64 -27.02 28.21
N LYS A 58 38.43 -27.59 27.31
CA LYS A 58 39.70 -27.08 26.84
C LYS A 58 39.42 -26.16 25.67
N HIS A 59 38.62 -26.65 24.71
CA HIS A 59 38.26 -25.85 23.56
C HIS A 59 37.45 -24.65 24.02
N GLU A 60 36.72 -24.81 25.13
CA GLU A 60 36.09 -23.69 25.81
C GLU A 60 37.10 -22.66 26.33
N THR A 61 38.33 -23.06 26.62
CA THR A 61 39.27 -22.01 27.02
C THR A 61 40.02 -21.47 25.83
N ALA A 62 40.28 -22.31 24.83
CA ALA A 62 40.66 -21.85 23.51
C ALA A 62 39.74 -20.75 23.02
N LYS A 63 38.44 -20.85 23.30
CA LYS A 63 37.59 -19.80 22.81
C LYS A 63 37.37 -18.70 23.83
N ASN A 64 37.49 -18.98 25.13
CA ASN A 64 37.51 -17.88 26.07
C ASN A 64 38.69 -16.98 25.77
N LYS A 65 39.83 -17.58 25.46
CA LYS A 65 40.99 -16.84 24.97
C LYS A 65 40.72 -16.24 23.61
N MET A 66 39.95 -16.92 22.77
CA MET A 66 39.69 -16.41 21.44
C MET A 66 38.94 -15.09 21.50
N ASN A 67 37.80 -15.06 22.16
CA ASN A 67 37.07 -13.82 22.28
C ASN A 67 37.86 -12.79 23.08
N TYR A 68 38.69 -13.25 24.03
CA TYR A 68 39.58 -12.34 24.75
C TYR A 68 40.45 -11.57 23.79
N LYS A 69 41.11 -12.29 22.90
CA LYS A 69 41.93 -11.58 21.96
C LYS A 69 41.07 -10.93 20.90
N GLN A 70 39.80 -11.33 20.81
CA GLN A 70 38.91 -10.82 19.77
C GLN A 70 38.79 -9.31 19.81
N LYS A 71 38.95 -8.70 20.99
CA LYS A 71 38.82 -7.25 21.03
C LYS A 71 39.97 -6.56 20.29
N ASP A 72 41.22 -6.94 20.55
CA ASP A 72 42.26 -6.33 19.73
C ASP A 72 42.27 -6.88 18.30
N LEU A 73 41.66 -8.05 18.08
CA LEU A 73 41.49 -8.60 16.73
C LEU A 73 40.61 -7.72 15.86
N ASP A 74 39.52 -7.22 16.42
CA ASP A 74 38.76 -6.28 15.63
C ASP A 74 39.45 -4.94 15.64
N ASN A 75 40.23 -4.63 16.68
CA ASN A 75 41.10 -3.47 16.54
C ASN A 75 41.96 -3.66 15.31
N PHE A 76 42.28 -4.91 14.99
CA PHE A 76 43.05 -5.19 13.79
C PHE A 76 42.20 -4.98 12.55
N THR A 77 40.95 -5.44 12.56
CA THR A 77 40.11 -5.20 11.39
C THR A 77 39.84 -3.70 11.17
N SER A 78 39.61 -2.96 12.26
CA SER A 78 39.50 -1.49 12.22
C SER A 78 40.76 -0.81 11.69
N LYS A 79 41.93 -1.26 12.14
CA LYS A 79 43.18 -0.70 11.70
C LYS A 79 43.45 -1.01 10.24
N GLY A 80 43.18 -2.24 9.81
CA GLY A 80 43.38 -2.60 8.41
C GLY A 80 42.49 -1.81 7.47
N LYS A 81 41.22 -1.63 7.85
CA LYS A 81 40.33 -0.89 6.97
C LYS A 81 40.79 0.56 6.88
N HIS A 82 41.03 1.21 8.04
CA HIS A 82 41.55 2.55 7.93
C HIS A 82 43.03 2.59 7.50
N LEU A 83 43.65 1.42 7.27
CA LEU A 83 45.00 1.25 6.75
C LEU A 83 45.05 1.35 5.22
N LEU A 84 44.24 0.55 4.55
CA LEU A 84 44.24 0.59 3.10
C LEU A 84 43.57 1.84 2.57
N SER A 85 43.06 2.68 3.47
CA SER A 85 42.59 4.01 3.10
C SER A 85 43.68 4.81 2.39
N GLU A 86 44.90 4.77 2.90
CA GLU A 86 46.03 5.31 2.18
C GLU A 86 46.46 4.31 1.11
N LEU A 87 47.50 4.65 0.37
CA LEU A 87 48.13 3.74 -0.57
C LEU A 87 47.15 3.38 -1.68
N SER A 96 48.75 -1.45 -6.75
CA SER A 96 47.94 -2.59 -7.17
C SER A 96 48.39 -3.85 -6.46
N LEU A 97 49.71 -4.00 -6.38
CA LEU A 97 50.33 -5.15 -5.73
C LEU A 97 49.92 -5.31 -4.26
N VAL A 98 49.96 -4.22 -3.51
CA VAL A 98 49.63 -4.23 -2.07
C VAL A 98 48.24 -4.79 -1.79
N LYS A 99 47.24 -4.33 -2.56
CA LYS A 99 45.84 -4.77 -2.38
C LYS A 99 45.67 -6.28 -2.29
N THR A 100 46.18 -7.03 -3.26
CA THR A 100 46.00 -8.48 -3.18
C THR A 100 46.56 -9.00 -1.88
N ASP A 101 47.72 -8.50 -1.45
CA ASP A 101 48.30 -8.93 -0.19
C ASP A 101 47.29 -8.79 0.94
N MET A 102 46.70 -7.60 1.06
CA MET A 102 45.72 -7.40 2.12
C MET A 102 44.57 -8.38 1.98
N GLU A 103 43.99 -8.48 0.78
CA GLU A 103 42.90 -9.40 0.54
C GLU A 103 43.25 -10.83 0.99
N SER A 104 44.43 -11.30 0.58
CA SER A 104 44.99 -12.60 0.97
C SER A 104 45.01 -12.85 2.47
N THR A 105 45.45 -11.87 3.26
CA THR A 105 45.41 -12.12 4.69
C THR A 105 44.01 -12.00 5.24
N VAL A 106 43.16 -11.19 4.62
CA VAL A 106 41.79 -11.07 5.09
C VAL A 106 41.01 -12.35 4.84
N ASP A 107 41.19 -12.94 3.66
CA ASP A 107 40.54 -14.23 3.36
C ASP A 107 41.15 -15.37 4.17
N LYS A 108 42.47 -15.40 4.34
CA LYS A 108 43.07 -16.47 5.11
C LYS A 108 42.58 -16.43 6.55
N TRP A 109 42.55 -15.23 7.13
CA TRP A 109 42.05 -15.04 8.48
C TRP A 109 40.54 -15.24 8.60
N LEU A 110 39.76 -14.98 7.55
CA LEU A 110 38.34 -15.30 7.63
C LEU A 110 38.15 -16.80 7.69
N ASP A 111 38.93 -17.53 6.89
CA ASP A 111 38.80 -18.97 6.88
C ASP A 111 39.25 -19.56 8.20
N VAL A 112 40.31 -19.01 8.82
CA VAL A 112 40.66 -19.55 10.14
C VAL A 112 39.87 -18.95 11.29
N SER A 113 39.18 -17.83 11.07
CA SER A 113 38.25 -17.30 12.06
C SER A 113 37.07 -18.24 12.19
N GLU A 114 36.39 -18.47 11.07
CA GLU A 114 35.35 -19.50 11.03
C GLU A 114 35.90 -20.87 11.45
N LYS A 115 37.15 -21.17 11.10
CA LYS A 115 37.66 -22.51 11.28
C LYS A 115 37.86 -22.84 12.75
N LEU A 116 38.43 -21.92 13.52
CA LEU A 116 38.54 -22.20 14.94
C LEU A 116 37.22 -21.97 15.65
N GLU A 117 36.34 -21.17 15.05
CA GLU A 117 34.98 -21.04 15.57
C GLU A 117 34.25 -22.37 15.58
N GLU A 118 34.22 -23.06 14.46
CA GLU A 118 33.52 -24.32 14.48
C GLU A 118 34.39 -25.53 14.80
N ASN A 119 35.72 -25.37 14.94
CA ASN A 119 36.51 -26.40 15.61
C ASN A 119 36.33 -26.44 17.13
N MET A 120 36.35 -25.28 17.81
CA MET A 120 35.93 -25.30 19.21
C MET A 120 34.47 -25.69 19.35
N ASP A 121 33.62 -25.31 18.39
CA ASP A 121 32.23 -25.71 18.46
C ASP A 121 32.11 -27.23 18.40
N ARG A 122 32.81 -27.86 17.45
CA ARG A 122 32.88 -29.32 17.41
C ARG A 122 33.45 -29.89 18.69
N LEU A 123 34.39 -29.22 19.34
CA LEU A 123 34.96 -29.89 20.50
C LEU A 123 34.01 -29.84 21.69
N ARG A 124 33.31 -28.71 21.83
CA ARG A 124 32.19 -28.64 22.74
C ARG A 124 31.11 -29.67 22.40
N VAL A 125 30.68 -29.68 21.13
CA VAL A 125 29.59 -30.52 20.66
C VAL A 125 30.06 -31.94 20.35
N SER A 126 31.30 -32.26 20.71
CA SER A 126 31.80 -33.61 20.63
C SER A 126 32.12 -34.20 21.97
N LEU A 127 32.23 -33.38 23.01
CA LEU A 127 32.02 -34.03 24.28
C LEU A 127 30.54 -34.01 24.64
N SER A 128 29.75 -33.25 23.87
CA SER A 128 28.30 -33.45 23.83
C SER A 128 27.97 -34.87 23.45
N ILE A 129 28.78 -35.48 22.59
CA ILE A 129 28.65 -36.91 22.32
C ILE A 129 29.25 -37.73 23.44
N TRP A 130 29.95 -37.10 24.38
CA TRP A 130 30.38 -37.78 25.60
C TRP A 130 29.41 -37.58 26.76
N ASP A 131 28.64 -36.49 26.73
CA ASP A 131 27.72 -36.16 27.80
C ASP A 131 26.36 -36.84 27.64
N SER B 1 23.68 37.99 0.21
CA SER B 1 23.54 37.00 1.29
C SER B 1 24.39 35.76 1.00
N VAL B 2 25.70 35.91 0.96
CA VAL B 2 26.59 34.88 0.45
C VAL B 2 27.25 34.21 1.65
N VAL B 3 27.82 33.03 1.43
CA VAL B 3 28.51 32.30 2.50
C VAL B 3 29.87 31.74 2.06
N THR B 4 30.91 31.96 2.88
CA THR B 4 32.27 31.47 2.65
C THR B 4 32.56 30.30 3.59
N VAL B 5 32.70 29.08 3.05
CA VAL B 5 32.92 27.85 3.83
C VAL B 5 34.25 27.12 3.59
N ARG B 6 34.46 26.04 4.36
CA ARG B 6 35.56 25.09 4.13
C ARG B 6 34.95 23.82 3.57
N VAL B 7 35.42 23.38 2.39
CA VAL B 7 34.88 22.19 1.74
C VAL B 7 35.89 21.05 1.59
N GLN B 8 35.35 19.82 1.57
CA GLN B 8 36.07 18.54 1.41
C GLN B 8 35.11 17.53 0.77
N TYR B 9 35.67 16.60 -0.01
CA TYR B 9 34.89 15.52 -0.58
C TYR B 9 35.19 14.24 0.18
N LEU B 10 34.36 13.22 -0.05
CA LEU B 10 34.56 11.89 0.55
C LEU B 10 34.36 10.86 -0.57
N GLU B 11 35.37 10.04 -0.83
CA GLU B 11 35.32 9.01 -1.88
C GLU B 11 34.60 7.75 -1.30
N ASP B 12 33.30 7.57 -1.53
CA ASP B 12 32.52 6.45 -1.01
C ASP B 12 31.68 5.82 -2.11
N THR B 13 32.12 5.92 -3.37
CA THR B 13 31.31 5.34 -4.44
C THR B 13 31.17 3.84 -4.21
N ASP B 14 32.25 3.19 -3.73
CA ASP B 14 32.19 1.80 -3.34
C ASP B 14 32.11 1.75 -1.81
N PRO B 15 30.96 1.36 -1.24
CA PRO B 15 30.84 1.27 0.23
C PRO B 15 31.56 0.09 0.90
N PHE B 16 31.99 -0.94 0.15
CA PHE B 16 32.72 -2.09 0.71
C PHE B 16 34.21 -1.86 0.77
N ALA B 17 34.66 -0.66 0.49
CA ALA B 17 36.07 -0.32 0.45
C ALA B 17 36.26 1.16 0.69
N CYS B 18 35.55 1.77 1.63
CA CYS B 18 35.67 3.22 1.77
C CYS B 18 37.06 3.58 2.28
N ALA B 19 37.71 4.53 1.58
CA ALA B 19 38.85 5.31 2.07
C ALA B 19 38.54 6.12 3.31
N ASN B 20 39.60 6.44 4.05
CA ASN B 20 39.45 7.11 5.32
C ASN B 20 39.80 8.59 5.24
N PHE B 21 40.74 8.99 4.29
CA PHE B 21 41.07 10.40 4.41
C PHE B 21 40.30 11.23 3.40
N PRO B 22 39.68 12.33 3.81
CA PRO B 22 39.16 13.31 2.86
C PRO B 22 40.29 14.20 2.36
N GLU B 23 40.36 14.42 1.05
CA GLU B 23 41.38 15.31 0.51
C GLU B 23 40.78 16.62 0.00
N PRO B 24 41.56 17.72 0.00
CA PRO B 24 42.90 17.78 0.60
C PRO B 24 42.80 17.90 2.10
N ARG B 25 43.92 17.65 2.75
CA ARG B 25 43.99 17.81 4.19
C ARG B 25 43.63 19.23 4.63
N ARG B 26 44.10 20.22 3.87
CA ARG B 26 43.86 21.63 4.11
C ARG B 26 42.67 22.13 3.28
N ALA B 27 41.47 22.18 3.88
CA ALA B 27 40.27 22.39 3.07
C ALA B 27 40.33 23.77 2.38
N PRO B 28 40.15 23.81 1.06
CA PRO B 28 39.95 25.09 0.33
C PRO B 28 38.66 25.88 0.59
N THR B 29 38.75 27.20 0.35
CA THR B 29 37.64 28.14 0.53
C THR B 29 37.04 28.54 -0.81
N CYS B 30 35.71 28.70 -0.84
CA CYS B 30 35.00 29.29 -1.97
C CYS B 30 33.70 29.87 -1.43
N SER B 31 33.08 30.77 -2.18
CA SER B 31 31.92 31.52 -1.70
C SER B 31 30.62 31.02 -2.34
N LEU B 32 29.58 30.82 -1.53
CA LEU B 32 28.26 30.38 -1.99
C LEU B 32 27.20 31.45 -1.80
N ASP B 33 25.94 31.03 -1.66
CA ASP B 33 24.82 31.92 -1.46
C ASP B 33 23.79 31.29 -0.54
N GLY B 34 23.55 31.96 0.59
CA GLY B 34 22.74 31.46 1.68
C GLY B 34 21.25 31.48 1.43
N ALA B 35 20.83 32.18 0.38
CA ALA B 35 19.42 32.40 0.12
C ALA B 35 19.00 31.73 -1.17
N LEU B 36 19.94 31.09 -1.88
CA LEU B 36 19.74 30.30 -3.08
C LEU B 36 19.94 28.80 -2.83
N PRO B 37 19.26 27.98 -3.64
CA PRO B 37 19.27 26.54 -3.41
C PRO B 37 20.63 25.95 -3.72
N LEU B 38 20.96 24.87 -3.00
CA LEU B 38 22.30 24.33 -3.07
C LEU B 38 22.59 23.50 -4.31
N GLY B 39 21.57 22.83 -4.87
CA GLY B 39 21.78 21.98 -6.04
C GLY B 39 22.57 22.65 -7.15
N ALA B 40 22.15 23.85 -7.54
CA ALA B 40 22.83 24.58 -8.62
C ALA B 40 24.22 25.03 -8.22
N GLN B 41 24.50 25.08 -6.92
CA GLN B 41 25.76 25.54 -6.36
C GLN B 41 26.75 24.41 -6.22
N ILE B 42 26.28 23.16 -6.25
CA ILE B 42 27.17 22.01 -6.11
C ILE B 42 28.18 21.87 -7.24
N PRO B 43 27.88 22.20 -8.50
CA PRO B 43 28.91 22.07 -9.54
C PRO B 43 30.14 22.95 -9.42
N ALA B 44 30.00 24.21 -9.01
CA ALA B 44 31.18 25.04 -8.86
C ALA B 44 32.17 24.43 -7.88
N VAL B 45 31.67 24.01 -6.73
CA VAL B 45 32.54 23.40 -5.74
C VAL B 45 32.98 22.00 -6.17
N HIS B 46 32.13 21.27 -6.90
CA HIS B 46 32.50 19.95 -7.42
C HIS B 46 33.69 20.03 -8.37
N ARG B 47 33.76 21.08 -9.17
CA ARG B 47 34.91 21.23 -10.04
C ARG B 47 36.06 21.82 -9.23
N LEU B 48 35.74 22.69 -8.30
CA LEU B 48 36.70 23.20 -7.34
C LEU B 48 37.45 22.07 -6.67
N LEU B 49 36.76 20.97 -6.41
CA LEU B 49 37.35 19.83 -5.74
C LEU B 49 37.95 18.81 -6.69
N GLY B 50 37.50 18.80 -7.95
CA GLY B 50 37.97 17.74 -8.86
C GLY B 50 37.70 16.36 -8.33
N ALA B 51 36.48 16.12 -7.83
CA ALA B 51 36.21 14.86 -7.17
C ALA B 51 35.88 13.77 -8.19
N PRO B 52 36.25 12.52 -7.90
CA PRO B 52 35.89 11.40 -8.78
C PRO B 52 34.52 10.83 -8.42
N LEU B 53 33.57 11.73 -8.20
CA LEU B 53 32.26 11.42 -7.65
C LEU B 53 31.22 11.71 -8.72
N LYS B 54 30.28 10.79 -8.92
CA LYS B 54 29.22 11.05 -9.87
C LYS B 54 28.41 12.22 -9.34
N LEU B 55 28.62 13.40 -9.95
CA LEU B 55 27.98 14.63 -9.49
C LEU B 55 26.49 14.44 -9.32
N GLU B 56 25.88 13.57 -10.15
CA GLU B 56 24.45 13.32 -10.11
C GLU B 56 24.08 12.19 -9.14
N ASP B 57 25.06 11.50 -8.55
CA ASP B 57 24.82 10.63 -7.41
C ASP B 57 25.36 11.18 -6.07
N CYS B 58 25.65 12.47 -5.98
CA CYS B 58 26.28 13.08 -4.80
C CYS B 58 25.26 13.50 -3.74
N ALA B 59 25.78 13.73 -2.53
CA ALA B 59 25.03 14.21 -1.38
C ALA B 59 25.96 15.00 -0.47
N LEU B 60 25.36 15.79 0.43
CA LEU B 60 26.08 16.65 1.36
C LEU B 60 25.76 16.45 2.85
N GLN B 61 26.81 16.28 3.65
CA GLN B 61 26.72 16.05 5.08
C GLN B 61 27.40 17.23 5.74
N VAL B 62 26.75 17.85 6.72
CA VAL B 62 27.46 18.92 7.42
C VAL B 62 28.50 18.28 8.33
N SER B 63 29.72 18.81 8.31
CA SER B 63 30.78 17.98 8.89
C SER B 63 30.47 17.81 10.36
N PRO B 64 30.67 18.79 11.23
CA PRO B 64 30.52 18.43 12.64
C PRO B 64 29.09 18.01 12.91
N SER B 65 28.09 18.64 12.27
CA SER B 65 26.72 18.33 12.67
C SER B 65 26.24 16.98 12.13
N GLY B 66 26.67 16.58 10.93
CA GLY B 66 26.22 15.33 10.31
C GLY B 66 24.97 15.42 9.44
N TYR B 67 24.41 16.60 9.27
CA TYR B 67 23.13 16.77 8.60
C TYR B 67 23.21 16.50 7.09
N TYR B 68 22.24 15.77 6.55
CA TYR B 68 22.18 15.59 5.11
C TYR B 68 21.29 16.65 4.49
N LEU B 69 21.91 17.50 3.68
CA LEU B 69 21.18 18.58 3.05
C LEU B 69 20.15 18.10 2.05
N ASP B 70 18.99 18.72 2.09
CA ASP B 70 18.06 18.63 0.98
C ASP B 70 18.67 19.47 -0.13
N THR B 71 18.92 18.87 -1.28
CA THR B 71 19.85 19.48 -2.21
C THR B 71 19.26 20.63 -3.04
N GLU B 72 17.94 20.80 -3.08
CA GLU B 72 17.31 21.84 -3.87
C GLU B 72 16.40 22.79 -3.08
N LEU B 73 16.71 23.06 -1.82
CA LEU B 73 16.22 24.27 -1.20
C LEU B 73 17.39 25.08 -0.67
N SER B 74 17.19 26.39 -0.57
CA SER B 74 18.27 27.29 -0.20
C SER B 74 18.78 27.02 1.22
N LEU B 75 19.82 27.75 1.61
CA LEU B 75 20.35 27.67 2.96
C LEU B 75 19.44 28.28 4.02
N GLU B 76 18.72 29.36 3.66
CA GLU B 76 17.83 30.05 4.59
C GLU B 76 16.58 29.24 4.95
N GLU B 77 16.15 28.34 4.06
CA GLU B 77 14.91 27.59 4.26
C GLU B 77 15.06 26.42 5.21
N GLN B 78 16.24 25.81 5.32
CA GLN B 78 16.49 24.80 6.34
C GLN B 78 17.28 25.33 7.52
N ARG B 79 17.12 26.61 7.83
CA ARG B 79 17.80 27.22 8.97
C ARG B 79 17.53 26.48 10.28
N GLU B 80 16.31 25.98 10.47
CA GLU B 80 15.95 25.31 11.71
C GLU B 80 16.75 24.05 11.99
N MET B 81 17.46 23.50 11.01
CA MET B 81 18.27 22.32 11.26
C MET B 81 19.75 22.63 11.30
N LEU B 82 20.11 23.91 11.23
CA LEU B 82 21.52 24.28 11.17
C LEU B 82 21.87 25.20 12.32
N GLU B 83 21.42 24.88 13.53
CA GLU B 83 21.65 25.79 14.64
C GLU B 83 23.15 25.91 14.94
N GLY B 84 23.80 24.78 15.25
CA GLY B 84 25.24 24.77 15.50
C GLY B 84 26.04 25.33 14.35
N PHE B 85 25.53 25.21 13.13
CA PHE B 85 26.18 25.71 11.93
C PHE B 85 26.39 27.22 11.91
N TYR B 86 25.32 27.97 11.99
CA TYR B 86 25.44 29.42 11.95
C TYR B 86 26.20 29.96 13.16
N GLU B 87 26.29 29.19 14.25
CA GLU B 87 27.07 29.62 15.39
C GLU B 87 28.56 29.48 15.18
N GLU B 88 29.00 28.46 14.45
CA GLU B 88 30.39 28.42 14.06
C GLU B 88 30.71 29.63 13.21
N ILE B 89 29.81 29.94 12.28
CA ILE B 89 29.98 31.10 11.42
C ILE B 89 30.03 32.34 12.28
N SER B 90 29.13 32.39 13.26
CA SER B 90 29.01 33.55 14.13
C SER B 90 30.24 33.71 15.00
N LYS B 91 30.93 32.62 15.29
CA LYS B 91 32.24 32.70 15.92
C LYS B 91 33.32 33.28 15.02
N GLY B 92 33.05 33.43 13.72
CA GLY B 92 34.02 33.97 12.80
C GLY B 92 34.96 32.93 12.25
N ARG B 93 34.63 31.66 12.44
CA ARG B 93 35.33 30.51 11.91
C ARG B 93 34.65 30.07 10.62
N LYS B 94 35.32 29.21 9.85
CA LYS B 94 34.66 28.64 8.69
C LYS B 94 34.26 27.19 8.95
N PRO B 95 32.96 26.89 9.00
CA PRO B 95 32.53 25.49 9.14
C PRO B 95 32.86 24.67 7.90
N THR B 96 32.93 23.36 8.12
CA THR B 96 33.32 22.39 7.11
C THR B 96 32.16 21.47 6.69
N LEU B 97 32.08 21.23 5.39
CA LEU B 97 31.08 20.38 4.73
C LEU B 97 31.68 19.17 4.03
N ILE B 98 31.10 17.99 4.24
CA ILE B 98 31.59 16.75 3.63
C ILE B 98 30.74 16.42 2.40
N LEU B 99 31.40 16.29 1.25
CA LEU B 99 30.83 15.73 0.04
C LEU B 99 30.94 14.21 0.01
N ARG B 100 29.81 13.50 -0.05
CA ARG B 100 29.87 12.05 -0.06
C ARG B 100 28.73 11.53 -0.93
N THR B 101 28.56 10.22 -0.97
CA THR B 101 27.50 9.63 -1.77
C THR B 101 26.21 9.59 -0.96
N GLN B 102 25.08 9.72 -1.65
CA GLN B 102 23.82 9.64 -0.95
C GLN B 102 23.69 8.30 -0.29
N LEU B 103 23.02 8.31 0.86
CA LEU B 103 22.73 7.06 1.53
C LEU B 103 21.91 6.19 0.61
N SER B 104 20.99 6.79 -0.12
CA SER B 104 20.21 6.05 -1.10
C SER B 104 21.10 5.33 -2.10
N VAL B 105 22.03 6.06 -2.72
CA VAL B 105 22.90 5.46 -3.74
C VAL B 105 23.79 4.36 -3.13
N ARG B 106 24.25 4.59 -1.90
CA ARG B 106 25.11 3.62 -1.24
C ARG B 106 24.35 2.35 -0.87
N VAL B 107 23.14 2.50 -0.34
CA VAL B 107 22.32 1.35 -0.01
C VAL B 107 21.90 0.63 -1.29
N ASN B 108 21.71 1.38 -2.38
CA ASN B 108 21.38 0.78 -3.67
C ASN B 108 22.52 -0.07 -4.20
N ALA B 109 23.76 0.44 -4.11
CA ALA B 109 24.91 -0.33 -4.53
C ALA B 109 25.05 -1.58 -3.67
N ILE B 110 24.70 -1.45 -2.38
CA ILE B 110 24.77 -2.58 -1.48
C ILE B 110 23.75 -3.65 -1.87
N LEU B 111 22.49 -3.24 -2.06
CA LEU B 111 21.45 -4.20 -2.45
C LEU B 111 21.79 -4.87 -3.77
N GLU B 112 22.38 -4.13 -4.71
CA GLU B 112 22.88 -4.78 -5.91
C GLU B 112 23.84 -5.88 -5.52
N LYS B 113 24.93 -5.54 -4.81
CA LYS B 113 25.97 -6.55 -4.61
C LYS B 113 25.46 -7.73 -3.79
N LEU B 114 24.55 -7.51 -2.85
CA LEU B 114 23.96 -8.63 -2.11
C LEU B 114 23.13 -9.52 -3.02
N TYR B 115 22.39 -8.91 -3.94
CA TYR B 115 21.53 -9.63 -4.86
C TYR B 115 22.27 -10.24 -6.05
N SER B 116 23.49 -9.80 -6.33
CA SER B 116 24.17 -10.21 -7.54
C SER B 116 25.48 -10.95 -7.29
N SER B 117 25.92 -11.08 -6.05
CA SER B 117 27.20 -11.69 -5.77
C SER B 117 26.96 -13.02 -5.07
N SER B 118 28.05 -13.73 -4.86
CA SER B 118 27.92 -15.11 -4.43
C SER B 118 29.29 -15.59 -3.99
N GLY B 119 29.28 -16.70 -3.26
CA GLY B 119 30.49 -17.39 -2.87
C GLY B 119 31.38 -16.63 -1.91
N PRO B 120 32.67 -16.56 -2.25
CA PRO B 120 33.59 -15.75 -1.44
C PRO B 120 33.30 -14.26 -1.46
N GLU B 121 32.89 -13.73 -2.62
CA GLU B 121 32.52 -12.33 -2.73
C GLU B 121 31.49 -11.98 -1.65
N LEU B 122 30.34 -12.66 -1.74
CA LEU B 122 29.20 -12.40 -0.87
C LEU B 122 29.61 -12.48 0.61
N ARG B 123 30.42 -13.50 0.95
CA ARG B 123 30.86 -13.74 2.33
C ARG B 123 31.69 -12.58 2.88
N ARG B 124 32.71 -12.16 2.12
CA ARG B 124 33.52 -11.02 2.52
C ARG B 124 32.62 -9.84 2.82
N SER B 125 31.66 -9.61 1.92
CA SER B 125 30.78 -8.45 2.06
C SER B 125 30.00 -8.52 3.37
N LEU B 126 29.44 -9.69 3.67
CA LEU B 126 28.69 -9.80 4.92
C LEU B 126 29.55 -9.56 6.14
N PHE B 127 30.80 -10.01 6.14
CA PHE B 127 31.56 -9.68 7.34
C PHE B 127 31.77 -8.20 7.51
N SER B 128 31.99 -7.51 6.42
CA SER B 128 32.32 -6.13 6.65
C SER B 128 31.09 -5.34 7.02
N LEU B 129 29.93 -5.87 6.65
CA LEU B 129 28.67 -5.19 6.88
C LEU B 129 28.51 -4.78 8.34
N LYS B 130 28.95 -5.65 9.24
CA LYS B 130 28.85 -5.36 10.66
C LYS B 130 29.53 -4.06 11.03
N GLN B 131 30.80 -3.95 10.68
CA GLN B 131 31.55 -2.77 11.09
C GLN B 131 31.03 -1.52 10.39
N ILE B 132 30.64 -1.65 9.12
CA ILE B 132 30.07 -0.52 8.38
C ILE B 132 28.87 0.05 9.12
N PHE B 133 27.98 -0.82 9.62
CA PHE B 133 26.83 -0.31 10.36
C PHE B 133 27.23 0.27 11.69
N GLN B 134 28.22 -0.31 12.34
CA GLN B 134 28.63 0.32 13.59
C GLN B 134 29.01 1.77 13.33
N GLU B 135 29.78 2.00 12.28
CA GLU B 135 30.40 3.32 12.12
C GLU B 135 29.67 4.30 11.20
N ASP B 136 28.60 3.90 10.51
CA ASP B 136 27.65 4.92 10.03
C ASP B 136 26.21 4.43 10.24
N LYS B 137 25.72 4.71 11.41
CA LYS B 137 24.35 4.38 11.76
C LYS B 137 23.35 5.01 10.81
N ASP B 138 23.70 6.18 10.25
CA ASP B 138 22.81 6.89 9.33
C ASP B 138 22.38 6.07 8.11
N LEU B 139 23.09 5.01 7.73
CA LEU B 139 22.62 4.22 6.58
C LEU B 139 21.37 3.44 6.92
N VAL B 140 21.14 3.21 8.20
CA VAL B 140 20.09 2.27 8.61
C VAL B 140 18.70 2.71 8.17
N PRO B 141 18.30 3.99 8.27
CA PRO B 141 16.94 4.32 7.81
C PRO B 141 16.76 4.12 6.32
N GLU B 142 17.67 4.62 5.49
CA GLU B 142 17.56 4.41 4.04
C GLU B 142 17.54 2.94 3.72
N PHE B 143 18.36 2.17 4.43
CA PHE B 143 18.31 0.72 4.29
C PHE B 143 16.91 0.15 4.49
N VAL B 144 16.25 0.47 5.59
CA VAL B 144 14.91 -0.08 5.78
C VAL B 144 14.00 0.37 4.64
N HIS B 145 14.20 1.59 4.15
CA HIS B 145 13.37 2.09 3.07
C HIS B 145 13.55 1.32 1.76
N SER B 146 14.73 0.73 1.50
CA SER B 146 14.93 0.09 0.20
C SER B 146 14.75 -1.42 0.23
N GLU B 147 13.95 -1.93 1.15
CA GLU B 147 13.68 -3.36 1.28
C GLU B 147 14.98 -4.17 1.44
N GLY B 148 16.00 -3.54 2.04
CA GLY B 148 17.22 -4.25 2.33
C GLY B 148 16.97 -5.46 3.20
N LEU B 149 15.93 -5.39 4.02
CA LEU B 149 15.52 -6.54 4.81
C LEU B 149 15.00 -7.64 3.90
N SER B 150 14.18 -7.29 2.91
CA SER B 150 13.78 -8.26 1.90
C SER B 150 15.01 -8.94 1.31
N CYS B 151 16.05 -8.16 1.05
CA CYS B 151 17.26 -8.76 0.51
C CYS B 151 17.88 -9.74 1.50
N LEU B 152 18.05 -9.30 2.75
CA LEU B 152 18.68 -10.16 3.76
C LEU B 152 17.95 -11.47 3.94
N ILE B 153 16.62 -11.43 3.98
CA ILE B 153 15.89 -12.67 4.16
C ILE B 153 15.99 -13.51 2.90
N ARG B 154 15.90 -12.86 1.73
CA ARG B 154 15.88 -13.53 0.45
C ARG B 154 17.23 -14.15 0.14
N VAL B 155 18.27 -13.66 0.80
CA VAL B 155 19.57 -14.30 0.76
C VAL B 155 19.72 -15.39 1.82
N GLY B 156 19.41 -15.09 3.09
CA GLY B 156 19.66 -16.05 4.16
C GLY B 156 18.92 -17.37 4.02
N ALA B 157 17.69 -17.34 3.51
CA ALA B 157 16.87 -18.56 3.42
C ALA B 157 17.34 -19.62 2.42
N ALA B 158 18.37 -19.37 1.62
CA ALA B 158 18.85 -20.38 0.69
C ALA B 158 20.34 -20.62 0.87
N ALA B 159 20.87 -20.22 2.03
CA ALA B 159 22.30 -20.21 2.34
C ALA B 159 22.59 -21.17 3.49
N ASP B 160 23.89 -21.44 3.68
CA ASP B 160 24.40 -22.31 4.73
C ASP B 160 24.51 -21.63 6.10
N HIS B 161 24.88 -22.43 7.12
CA HIS B 161 24.77 -21.96 8.50
C HIS B 161 25.78 -20.86 8.80
N ASN B 162 26.94 -20.85 8.13
CA ASN B 162 27.89 -19.78 8.37
C ASN B 162 27.37 -18.48 7.78
N TYR B 163 26.95 -18.55 6.52
CA TYR B 163 26.34 -17.41 5.87
C TYR B 163 25.18 -16.85 6.68
N GLN B 164 24.33 -17.72 7.22
CA GLN B 164 23.22 -17.23 8.03
C GLN B 164 23.66 -16.66 9.38
N SER B 165 24.68 -17.25 10.01
CA SER B 165 25.15 -16.77 11.31
C SER B 165 25.79 -15.41 11.20
N TYR B 166 26.50 -15.21 10.10
CA TYR B 166 27.10 -13.92 9.83
C TYR B 166 25.98 -12.91 9.58
N ILE B 167 24.98 -13.31 8.78
CA ILE B 167 23.81 -12.46 8.57
C ILE B 167 23.22 -12.03 9.91
N LEU B 168 23.18 -12.94 10.86
CA LEU B 168 22.51 -12.63 12.12
C LEU B 168 23.34 -11.72 13.01
N ARG B 169 24.65 -11.87 13.00
CA ARG B 169 25.50 -10.94 13.75
C ARG B 169 25.36 -9.53 13.19
N ALA B 170 25.38 -9.44 11.85
CA ALA B 170 25.11 -8.18 11.17
C ALA B 170 23.76 -7.63 11.62
N LEU B 171 22.77 -8.50 11.72
CA LEU B 171 21.40 -8.06 11.98
C LEU B 171 21.32 -7.47 13.38
N GLY B 172 22.01 -8.07 14.34
CA GLY B 172 22.08 -7.49 15.67
C GLY B 172 22.70 -6.10 15.62
N GLN B 173 23.72 -5.93 14.76
CA GLN B 173 24.27 -4.58 14.52
C GLN B 173 23.18 -3.61 14.06
N LEU B 174 22.38 -4.01 13.09
CA LEU B 174 21.25 -3.15 12.69
C LEU B 174 20.38 -2.78 13.89
N MET B 175 20.02 -3.77 14.71
CA MET B 175 19.06 -3.56 15.79
C MET B 175 19.59 -2.77 16.97
N LEU B 176 20.90 -2.49 17.05
CA LEU B 176 21.31 -1.54 18.08
C LEU B 176 20.86 -0.13 17.75
N PHE B 177 20.51 0.14 16.49
CA PHE B 177 20.08 1.45 16.06
C PHE B 177 18.55 1.49 15.91
N VAL B 178 18.01 2.66 16.23
CA VAL B 178 16.56 2.85 16.36
C VAL B 178 15.81 2.55 15.08
N ASP B 179 16.32 3.01 13.94
CA ASP B 179 15.59 2.83 12.70
C ASP B 179 15.54 1.37 12.28
N GLY B 180 16.67 0.67 12.37
CA GLY B 180 16.67 -0.75 12.06
C GLY B 180 15.75 -1.49 13.01
N MET B 181 15.74 -1.07 14.27
CA MET B 181 14.83 -1.67 15.24
C MET B 181 13.40 -1.53 14.74
N LEU B 182 13.06 -0.33 14.28
CA LEU B 182 11.72 -0.07 13.79
C LEU B 182 11.41 -0.91 12.55
N GLY B 183 12.40 -1.10 11.69
CA GLY B 183 12.19 -1.97 10.55
C GLY B 183 11.91 -3.41 10.91
N VAL B 184 12.59 -3.91 11.94
CA VAL B 184 12.31 -5.27 12.39
C VAL B 184 10.93 -5.38 13.03
N VAL B 185 10.53 -4.37 13.81
CA VAL B 185 9.17 -4.41 14.36
C VAL B 185 8.14 -4.43 13.25
N ALA B 186 8.43 -3.79 12.12
CA ALA B 186 7.46 -3.76 11.02
C ALA B 186 7.43 -5.06 10.22
N HIS B 187 8.59 -5.68 9.99
CA HIS B 187 8.68 -6.80 9.06
C HIS B 187 8.35 -8.13 9.74
N SER B 188 7.13 -8.61 9.55
CA SER B 188 6.77 -9.89 10.14
C SER B 188 7.61 -11.01 9.56
N ASP B 189 7.92 -10.94 8.25
CA ASP B 189 8.69 -12.00 7.61
C ASP B 189 10.04 -12.21 8.29
N THR B 190 10.63 -11.14 8.81
CA THR B 190 11.93 -11.25 9.45
C THR B 190 11.87 -12.15 10.68
N ILE B 191 10.95 -11.84 11.60
CA ILE B 191 10.86 -12.59 12.83
C ILE B 191 10.49 -14.04 12.51
N GLN B 192 9.63 -14.22 11.51
CA GLN B 192 9.35 -15.55 10.97
C GLN B 192 10.63 -16.26 10.55
N TRP B 193 11.55 -15.55 9.89
CA TRP B 193 12.80 -16.17 9.48
C TRP B 193 13.63 -16.57 10.69
N LEU B 194 13.67 -15.72 11.73
CA LEU B 194 14.44 -16.06 12.91
C LEU B 194 13.87 -17.27 13.61
N TYR B 195 12.54 -17.41 13.60
CA TYR B 195 11.94 -18.62 14.16
C TYR B 195 12.34 -19.83 13.34
N THR B 196 12.28 -19.73 12.01
CA THR B 196 12.80 -20.83 11.21
C THR B 196 14.23 -21.16 11.64
N LEU B 197 15.03 -20.13 11.89
CA LEU B 197 16.42 -20.32 12.30
C LEU B 197 16.59 -21.02 13.64
N CYS B 198 15.57 -20.99 14.51
CA CYS B 198 15.67 -21.70 15.78
C CYS B 198 15.63 -23.22 15.61
N ALA B 199 15.40 -23.72 14.40
CA ALA B 199 15.44 -25.14 14.09
C ALA B 199 16.71 -25.57 13.38
N SER B 200 17.71 -24.70 13.33
CA SER B 200 18.93 -25.02 12.62
C SER B 200 19.66 -26.13 13.39
N LEU B 201 20.47 -26.87 12.67
CA LEU B 201 21.30 -27.87 13.30
C LEU B 201 22.57 -27.29 13.88
N SER B 202 22.85 -26.01 13.59
CA SER B 202 24.00 -25.36 14.17
C SER B 202 23.56 -24.78 15.51
N ARG B 203 24.12 -25.33 16.59
CA ARG B 203 23.78 -24.96 17.95
C ARG B 203 24.27 -23.55 18.29
N LEU B 204 25.32 -23.08 17.59
CA LEU B 204 25.69 -21.68 17.63
C LEU B 204 24.59 -20.81 17.03
N VAL B 205 24.10 -21.21 15.86
CA VAL B 205 23.02 -20.47 15.20
C VAL B 205 21.78 -20.43 16.09
N VAL B 206 21.48 -21.52 16.79
CA VAL B 206 20.28 -21.51 17.63
C VAL B 206 20.48 -20.56 18.81
N LYS B 207 21.62 -20.67 19.50
CA LYS B 207 21.90 -19.73 20.58
C LYS B 207 21.76 -18.31 20.10
N THR B 208 22.34 -18.02 18.94
CA THR B 208 22.34 -16.66 18.43
C THR B 208 20.92 -16.20 18.11
N ALA B 209 20.16 -17.01 17.39
CA ALA B 209 18.78 -16.65 17.07
C ALA B 209 18.00 -16.41 18.34
N LEU B 210 18.20 -17.28 19.33
CA LEU B 210 17.54 -17.15 20.61
C LEU B 210 17.90 -15.83 21.32
N LYS B 211 19.19 -15.49 21.38
CA LYS B 211 19.57 -14.28 22.09
C LYS B 211 19.13 -13.00 21.39
N LEU B 212 19.11 -12.98 20.06
CA LEU B 212 18.55 -11.84 19.35
C LEU B 212 17.04 -11.74 19.55
N LEU B 213 16.35 -12.88 19.56
CA LEU B 213 14.92 -12.85 19.87
C LEU B 213 14.72 -12.29 21.28
N LEU B 214 15.66 -12.55 22.18
CA LEU B 214 15.58 -11.96 23.50
C LEU B 214 15.71 -10.44 23.39
N VAL B 215 16.69 -9.98 22.60
CA VAL B 215 16.83 -8.53 22.37
C VAL B 215 15.52 -7.94 21.83
N PHE B 216 14.85 -8.69 20.95
CA PHE B 216 13.61 -8.24 20.32
C PHE B 216 12.51 -8.06 21.36
N VAL B 217 12.34 -9.06 22.24
CA VAL B 217 11.26 -8.98 23.22
C VAL B 217 11.63 -8.05 24.36
N GLU B 218 12.91 -7.76 24.56
CA GLU B 218 13.27 -6.85 25.63
C GLU B 218 13.15 -5.41 25.22
N TYR B 219 13.32 -5.11 23.93
CA TYR B 219 13.18 -3.72 23.52
C TYR B 219 11.80 -3.19 23.92
N SER B 220 10.74 -3.74 23.35
CA SER B 220 9.39 -3.39 23.75
C SER B 220 8.57 -4.64 24.03
N GLU B 221 7.30 -4.39 24.32
CA GLU B 221 6.26 -5.37 24.62
C GLU B 221 5.21 -5.37 23.52
N ASN B 222 5.14 -4.25 22.78
CA ASN B 222 4.20 -4.10 21.67
C ASN B 222 4.45 -5.17 20.63
N ASN B 223 5.62 -5.81 20.66
CA ASN B 223 5.97 -6.82 19.70
C ASN B 223 5.83 -8.26 20.22
N ALA B 224 5.43 -8.46 21.48
CA ALA B 224 4.98 -9.79 21.90
C ALA B 224 3.82 -10.37 21.07
N PRO B 225 2.71 -9.66 20.84
CA PRO B 225 1.69 -10.22 19.93
C PRO B 225 2.18 -10.45 18.53
N LEU B 226 3.03 -9.56 18.03
CA LEU B 226 3.56 -9.72 16.69
C LEU B 226 4.38 -11.00 16.57
N PHE B 227 5.25 -11.24 17.57
CA PHE B 227 5.97 -12.50 17.69
C PHE B 227 5.05 -13.70 17.64
N ILE B 228 4.06 -13.73 18.53
CA ILE B 228 3.24 -14.92 18.63
C ILE B 228 2.51 -15.18 17.32
N ARG B 229 2.09 -14.11 16.65
CA ARG B 229 1.38 -14.28 15.38
C ARG B 229 2.31 -14.77 14.28
N ALA B 230 3.54 -14.24 14.23
CA ALA B 230 4.54 -14.72 13.27
C ALA B 230 4.84 -16.20 13.48
N VAL B 231 4.97 -16.61 14.74
CA VAL B 231 5.24 -18.00 15.04
C VAL B 231 4.09 -18.86 14.56
N ASN B 232 2.86 -18.39 14.79
CA ASN B 232 1.73 -19.20 14.35
C ASN B 232 1.75 -19.34 12.84
N SER B 233 2.14 -18.27 12.13
CA SER B 233 2.13 -18.33 10.68
C SER B 233 3.22 -19.26 10.16
N VAL B 234 4.39 -19.27 10.81
CA VAL B 234 5.47 -20.16 10.36
C VAL B 234 5.14 -21.61 10.63
N ALA B 235 4.73 -21.92 11.86
CA ALA B 235 4.32 -23.29 12.17
C ALA B 235 3.22 -23.74 11.24
N SER B 236 2.31 -22.84 10.89
CA SER B 236 1.19 -23.24 10.06
C SER B 236 1.63 -23.46 8.61
N THR B 237 2.51 -22.58 8.08
CA THR B 237 3.07 -22.74 6.73
C THR B 237 3.96 -23.98 6.61
N THR B 238 4.68 -24.36 7.66
CA THR B 238 5.68 -25.43 7.55
C THR B 238 5.05 -26.82 7.74
N GLY B 239 3.86 -26.88 8.31
CA GLY B 239 3.16 -28.12 8.61
C GLY B 239 3.39 -28.66 10.00
N ALA B 240 4.19 -27.99 10.78
CA ALA B 240 4.51 -28.44 12.12
C ALA B 240 3.56 -27.77 13.11
N PRO B 241 3.43 -28.30 14.33
CA PRO B 241 2.58 -27.61 15.28
C PRO B 241 3.22 -26.30 15.69
N PRO B 242 2.42 -25.31 16.05
CA PRO B 242 2.99 -24.10 16.64
C PRO B 242 3.80 -24.38 17.90
N TRP B 243 4.99 -23.79 17.95
CA TRP B 243 5.91 -23.68 19.08
C TRP B 243 6.74 -24.95 19.21
N ALA B 244 6.62 -25.88 18.24
CA ALA B 244 7.28 -27.17 18.34
C ALA B 244 8.79 -27.05 18.42
N ASN B 245 9.35 -25.98 17.87
CA ASN B 245 10.80 -25.85 17.80
C ASN B 245 11.42 -25.65 19.18
N LEU B 246 10.82 -24.78 19.98
CA LEU B 246 11.34 -24.55 21.32
C LEU B 246 11.25 -25.81 22.15
N VAL B 247 10.07 -26.41 22.21
CA VAL B 247 9.90 -27.58 23.06
C VAL B 247 10.78 -28.73 22.58
N SER B 248 11.07 -28.79 21.28
CA SER B 248 12.04 -29.79 20.82
C SER B 248 13.40 -29.52 21.43
N ILE B 249 13.80 -28.24 21.48
CA ILE B 249 15.04 -27.90 22.19
C ILE B 249 14.92 -28.28 23.66
N LEU B 250 13.72 -28.15 24.22
CA LEU B 250 13.54 -28.41 25.65
C LEU B 250 13.69 -29.90 25.96
N GLU B 251 13.15 -30.77 25.11
CA GLU B 251 13.24 -32.20 25.38
C GLU B 251 14.36 -32.85 24.58
N GLU B 252 15.32 -32.04 24.13
CA GLU B 252 16.67 -32.40 23.71
C GLU B 252 16.79 -33.75 22.99
N LYS B 253 16.90 -33.71 21.67
CA LYS B 253 17.21 -34.93 20.95
C LYS B 253 18.68 -35.28 21.09
N ASN B 254 19.55 -34.27 21.24
CA ASN B 254 20.99 -34.46 21.40
C ASN B 254 21.45 -34.56 22.85
N GLY B 255 20.72 -33.98 23.81
CA GLY B 255 21.16 -33.99 25.19
C GLY B 255 21.22 -32.59 25.79
N ALA B 256 21.89 -32.49 26.93
CA ALA B 256 21.95 -31.30 27.77
C ALA B 256 22.72 -30.15 27.09
N ASP B 257 22.29 -28.92 27.39
CA ASP B 257 22.79 -27.69 26.76
C ASP B 257 22.34 -26.47 27.58
N PRO B 258 22.88 -26.34 28.80
CA PRO B 258 22.28 -25.43 29.79
C PRO B 258 22.04 -24.03 29.29
N GLU B 259 23.04 -23.42 28.66
CA GLU B 259 22.89 -22.08 28.12
C GLU B 259 21.70 -21.97 27.17
N LEU B 260 21.54 -22.89 26.22
CA LEU B 260 20.31 -22.80 25.42
C LEU B 260 19.06 -23.04 26.25
N LEU B 261 19.07 -24.01 27.17
CA LEU B 261 17.84 -24.26 27.90
C LEU B 261 17.42 -23.04 28.72
N VAL B 262 18.38 -22.40 29.40
CA VAL B 262 18.09 -21.23 30.21
C VAL B 262 17.65 -20.07 29.32
N TYR B 263 18.36 -19.87 28.20
CA TYR B 263 17.95 -18.82 27.29
C TYR B 263 16.49 -19.02 26.89
N THR B 264 16.11 -20.26 26.59
CA THR B 264 14.75 -20.52 26.13
C THR B 264 13.75 -20.20 27.23
N VAL B 265 14.04 -20.62 28.46
CA VAL B 265 13.05 -20.41 29.51
C VAL B 265 12.91 -18.94 29.82
N THR B 266 14.01 -18.18 29.82
CA THR B 266 13.86 -16.75 30.04
C THR B 266 13.07 -16.11 28.92
N LEU B 267 13.30 -16.55 27.68
CA LEU B 267 12.57 -16.01 26.53
C LEU B 267 11.06 -16.16 26.70
N ILE B 268 10.62 -17.38 26.99
CA ILE B 268 9.19 -17.59 27.14
C ILE B 268 8.67 -16.86 28.36
N ASN B 269 9.49 -16.74 29.39
CA ASN B 269 9.12 -16.01 30.60
C ASN B 269 8.79 -14.57 30.24
N LYS B 270 9.76 -13.93 29.60
CA LYS B 270 9.69 -12.56 29.18
C LYS B 270 8.65 -12.36 28.09
N THR B 271 8.19 -13.44 27.48
CA THR B 271 7.02 -13.35 26.61
C THR B 271 5.75 -13.31 27.44
N LEU B 272 5.74 -14.07 28.54
CA LEU B 272 4.62 -14.10 29.49
C LEU B 272 4.38 -12.79 30.23
N ALA B 273 5.43 -12.09 30.61
CA ALA B 273 5.23 -10.94 31.50
C ALA B 273 4.50 -9.76 30.85
N ALA B 274 4.21 -9.78 29.54
CA ALA B 274 3.67 -8.61 28.84
C ALA B 274 2.20 -8.74 28.40
N LEU B 275 1.31 -9.45 29.15
CA LEU B 275 -0.10 -9.39 28.68
C LEU B 275 -1.17 -9.44 29.79
N PRO B 276 -2.00 -8.40 29.93
CA PRO B 276 -3.06 -8.47 30.95
C PRO B 276 -4.20 -9.41 30.58
N ASP B 277 -4.45 -9.60 29.28
CA ASP B 277 -5.49 -10.50 28.84
C ASP B 277 -5.21 -11.91 29.34
N GLN B 278 -6.09 -12.41 30.19
CA GLN B 278 -5.98 -13.79 30.63
C GLN B 278 -6.62 -14.79 29.68
N ASP B 279 -7.46 -14.34 28.74
CA ASP B 279 -8.21 -15.28 27.92
C ASP B 279 -7.38 -15.86 26.75
N SER B 280 -6.71 -15.01 25.97
CA SER B 280 -5.76 -15.55 25.00
C SER B 280 -4.62 -16.26 25.72
N PHE B 281 -4.28 -15.77 26.90
CA PHE B 281 -3.32 -16.44 27.76
C PHE B 281 -3.74 -17.90 27.92
N TYR B 282 -4.99 -18.12 28.33
CA TYR B 282 -5.51 -19.47 28.57
C TYR B 282 -5.56 -20.27 27.26
N ASP B 283 -5.92 -19.61 26.15
CA ASP B 283 -5.86 -20.23 24.84
C ASP B 283 -4.49 -20.86 24.62
N VAL B 284 -3.46 -20.07 24.89
CA VAL B 284 -2.12 -20.50 24.58
C VAL B 284 -1.70 -21.61 25.53
N THR B 285 -1.92 -21.43 26.83
CA THR B 285 -1.46 -22.44 27.78
C THR B 285 -2.17 -23.78 27.58
N ASP B 286 -3.41 -23.79 27.07
CA ASP B 286 -3.96 -25.07 26.61
C ASP B 286 -3.13 -25.62 25.45
N ALA B 287 -2.88 -24.80 24.41
CA ALA B 287 -2.05 -25.27 23.29
C ALA B 287 -0.72 -25.89 23.74
N LEU B 288 -0.19 -25.46 24.88
CA LEU B 288 1.07 -25.97 25.43
C LEU B 288 0.87 -27.21 26.30
N GLU B 289 -0.15 -27.18 27.15
CA GLU B 289 -0.48 -28.33 28.00
C GLU B 289 -0.79 -29.54 27.14
N GLN B 290 -1.33 -29.32 25.95
CA GLN B 290 -1.52 -30.40 24.99
C GLN B 290 -0.22 -31.15 24.68
N GLN B 291 0.84 -30.41 24.38
CA GLN B 291 2.05 -31.07 23.89
C GLN B 291 2.85 -31.87 24.91
N GLY B 292 2.63 -31.69 26.21
CA GLY B 292 3.20 -32.61 27.19
C GLY B 292 4.01 -31.88 28.23
N MET B 293 3.92 -30.55 28.18
CA MET B 293 4.86 -29.66 28.86
C MET B 293 5.06 -30.00 30.33
N GLU B 294 3.98 -30.39 31.01
CA GLU B 294 4.02 -30.54 32.47
C GLU B 294 4.95 -31.65 32.91
N ALA B 295 4.93 -32.79 32.23
CA ALA B 295 5.86 -33.85 32.59
C ALA B 295 7.31 -33.45 32.35
N LEU B 296 7.59 -32.82 31.21
CA LEU B 296 8.96 -32.36 30.95
C LEU B 296 9.46 -31.43 32.06
N VAL B 297 8.64 -30.42 32.39
CA VAL B 297 8.97 -29.50 33.48
C VAL B 297 9.19 -30.26 34.78
N GLN B 298 8.24 -31.12 35.12
CA GLN B 298 8.29 -31.87 36.37
C GLN B 298 9.59 -32.67 36.48
N ARG B 299 9.88 -33.52 35.49
CA ARG B 299 11.04 -34.40 35.59
C ARG B 299 12.35 -33.63 35.58
N HIS B 300 12.41 -32.49 34.91
CA HIS B 300 13.63 -31.70 34.93
C HIS B 300 13.81 -30.98 36.27
N LEU B 301 12.73 -30.46 36.85
CA LEU B 301 12.84 -29.90 38.17
C LEU B 301 13.24 -30.93 39.22
N GLY B 302 13.17 -32.22 38.89
CA GLY B 302 13.54 -33.28 39.79
C GLY B 302 15.05 -33.29 39.92
N THR B 303 15.74 -33.61 38.83
CA THR B 303 17.19 -33.72 38.80
C THR B 303 17.83 -32.48 39.41
N ALA B 304 18.72 -32.71 40.39
CA ALA B 304 19.60 -31.71 40.99
C ALA B 304 20.75 -31.21 40.12
N GLY B 305 21.01 -31.82 38.97
CA GLY B 305 21.99 -31.27 38.03
C GLY B 305 21.63 -29.96 37.34
N THR B 306 20.36 -29.55 37.35
CA THR B 306 20.04 -28.26 36.74
C THR B 306 20.81 -27.11 37.37
N ASP B 307 21.19 -26.16 36.53
CA ASP B 307 21.94 -24.99 36.94
C ASP B 307 21.00 -24.01 37.63
N VAL B 308 21.56 -23.26 38.59
CA VAL B 308 20.74 -22.49 39.51
C VAL B 308 19.97 -21.38 38.81
N ASP B 309 20.61 -20.67 37.86
CA ASP B 309 19.92 -19.57 37.18
C ASP B 309 18.73 -20.09 36.36
N LEU B 310 18.95 -21.15 35.58
CA LEU B 310 17.86 -21.80 34.85
C LEU B 310 16.72 -22.14 35.81
N ARG B 311 17.09 -22.71 36.96
CA ARG B 311 16.08 -23.09 37.95
C ARG B 311 15.27 -21.87 38.43
N THR B 312 15.95 -20.75 38.71
CA THR B 312 15.23 -19.56 39.16
C THR B 312 14.20 -19.09 38.13
N GLN B 313 14.60 -19.00 36.87
CA GLN B 313 13.62 -18.58 35.87
C GLN B 313 12.50 -19.61 35.63
N LEU B 314 12.75 -20.88 35.82
CA LEU B 314 11.62 -21.78 35.67
C LEU B 314 10.69 -21.72 36.89
N VAL B 315 11.21 -21.47 38.10
CA VAL B 315 10.29 -21.23 39.21
C VAL B 315 9.53 -19.91 39.03
N LEU B 316 10.12 -18.92 38.37
CA LEU B 316 9.31 -17.78 37.93
C LEU B 316 8.16 -18.25 37.04
N TYR B 317 8.42 -19.20 36.15
CA TYR B 317 7.31 -19.80 35.41
C TYR B 317 6.24 -20.31 36.35
N GLU B 318 6.63 -21.20 37.25
CA GLU B 318 5.60 -21.91 38.00
C GLU B 318 4.84 -20.92 38.86
N ASN B 319 5.56 -19.95 39.41
CA ASN B 319 4.97 -18.94 40.26
C ASN B 319 3.95 -18.10 39.51
N ALA B 320 4.11 -17.97 38.20
CA ALA B 320 3.17 -17.19 37.41
C ALA B 320 1.77 -17.77 37.49
N LEU B 321 1.67 -19.08 37.26
CA LEU B 321 0.43 -19.81 37.26
C LEU B 321 -0.09 -20.08 38.68
N THR C 1 -22.63 0.92 -63.58
CA THR C 1 -22.12 2.29 -63.50
C THR C 1 -23.22 3.22 -63.03
N LYS C 2 -24.42 3.06 -63.59
CA LYS C 2 -25.60 3.81 -63.12
C LYS C 2 -25.83 3.53 -61.64
N ARG C 3 -25.25 2.40 -61.22
CA ARG C 3 -25.44 1.83 -59.89
C ARG C 3 -25.06 2.78 -58.75
N LEU C 4 -23.87 3.39 -58.82
CA LEU C 4 -23.41 4.19 -57.69
C LEU C 4 -24.23 5.46 -57.51
N ILE C 5 -24.70 6.04 -58.61
CA ILE C 5 -25.59 7.20 -58.54
C ILE C 5 -26.90 6.82 -57.87
N HIS C 6 -27.51 5.71 -58.30
CA HIS C 6 -28.70 5.25 -57.58
C HIS C 6 -28.42 5.03 -56.08
N GLU C 7 -27.24 4.54 -55.72
CA GLU C 7 -26.92 4.42 -54.30
C GLU C 7 -26.86 5.77 -53.59
N ASN C 8 -26.15 6.75 -54.17
CA ASN C 8 -26.09 8.08 -53.58
C ASN C 8 -27.48 8.65 -53.34
N GLN C 9 -28.30 8.62 -54.38
CA GLN C 9 -29.62 9.24 -54.32
C GLN C 9 -30.50 8.51 -53.33
N GLY C 10 -30.29 7.21 -53.16
CA GLY C 10 -30.98 6.48 -52.11
C GLY C 10 -30.52 6.85 -50.71
N GLN C 11 -29.22 7.05 -50.51
CA GLN C 11 -28.77 7.65 -49.26
C GLN C 11 -29.50 8.96 -48.98
N CYS C 12 -29.71 9.77 -50.02
CA CYS C 12 -30.45 11.01 -49.85
C CYS C 12 -31.89 10.73 -49.44
N CYS C 13 -32.50 9.72 -50.06
CA CYS C 13 -33.86 9.31 -49.73
C CYS C 13 -33.96 8.86 -48.28
N GLY C 14 -33.09 7.94 -47.86
CA GLY C 14 -33.20 7.42 -46.51
C GLY C 14 -33.00 8.52 -45.49
N LEU C 15 -32.12 9.49 -45.78
CA LEU C 15 -31.95 10.58 -44.82
C LEU C 15 -33.17 11.48 -44.79
N ILE C 16 -33.86 11.63 -45.92
CA ILE C 16 -35.09 12.42 -45.95
C ILE C 16 -36.22 11.76 -45.16
N ASP C 17 -36.51 10.49 -45.46
CA ASP C 17 -37.54 9.79 -44.70
C ASP C 17 -37.19 9.70 -43.22
N LEU C 18 -35.90 9.73 -42.88
CA LEU C 18 -35.51 9.79 -41.47
C LEU C 18 -35.93 11.11 -40.84
N MET C 19 -35.65 12.22 -41.51
CA MET C 19 -36.04 13.48 -40.92
C MET C 19 -37.55 13.59 -40.80
N ARG C 20 -38.29 12.93 -41.70
CA ARG C 20 -39.74 12.83 -41.52
C ARG C 20 -40.11 12.03 -40.26
N GLU C 21 -39.48 10.86 -40.05
CA GLU C 21 -39.74 10.10 -38.82
C GLU C 21 -39.52 10.98 -37.58
N TYR C 22 -38.31 11.57 -37.51
CA TYR C 22 -37.97 12.37 -36.33
C TYR C 22 -39.03 13.44 -36.13
N GLN C 23 -39.51 14.02 -37.24
CA GLN C 23 -40.47 15.11 -37.13
C GLN C 23 -41.75 14.63 -36.44
N ASN C 24 -42.36 13.56 -36.96
CA ASN C 24 -43.65 13.14 -36.39
C ASN C 24 -43.52 12.72 -34.94
N LEU C 25 -42.46 11.99 -34.62
CA LEU C 25 -42.22 11.57 -33.24
C LEU C 25 -42.15 12.79 -32.34
N LYS C 26 -41.11 13.60 -32.54
CA LYS C 26 -40.85 14.69 -31.61
C LYS C 26 -41.98 15.70 -31.64
N SER C 27 -42.79 15.69 -32.68
CA SER C 27 -43.95 16.56 -32.75
C SER C 27 -45.01 16.16 -31.74
N ALA C 28 -45.41 14.89 -31.72
CA ALA C 28 -46.30 14.58 -30.61
C ALA C 28 -45.58 14.66 -29.26
N VAL C 29 -44.24 14.65 -29.30
CA VAL C 29 -43.46 14.75 -28.07
C VAL C 29 -43.68 16.11 -27.42
N SER C 30 -43.33 17.17 -28.16
CA SER C 30 -43.58 18.53 -27.66
C SER C 30 -45.06 18.80 -27.45
N LYS C 31 -45.94 18.23 -28.28
CA LYS C 31 -47.36 18.44 -28.08
C LYS C 31 -47.80 17.98 -26.69
N VAL C 32 -47.07 17.04 -26.10
CA VAL C 32 -47.45 16.54 -24.78
C VAL C 32 -46.56 17.10 -23.67
N LEU C 33 -45.26 17.22 -23.92
CA LEU C 33 -44.33 17.68 -22.90
C LEU C 33 -44.64 19.08 -22.38
N GLU C 34 -45.36 19.89 -23.17
CA GLU C 34 -45.76 21.24 -22.79
C GLU C 34 -47.04 21.26 -21.98
N ASN C 35 -47.84 20.21 -22.12
CA ASN C 35 -49.10 20.08 -21.40
C ASN C 35 -48.84 20.22 -19.91
N ALA C 36 -47.69 19.74 -19.46
CA ALA C 36 -47.35 19.56 -18.06
C ALA C 36 -46.60 20.72 -17.45
N SER C 37 -46.30 21.78 -18.20
CA SER C 37 -45.57 22.85 -17.55
C SER C 37 -46.52 23.74 -16.76
N SER C 38 -47.80 23.33 -16.70
CA SER C 38 -48.83 23.94 -15.88
C SER C 38 -48.58 23.73 -14.38
N GLU C 50 -57.08 22.35 5.83
CA GLU C 50 -57.58 21.36 4.89
C GLU C 50 -57.11 21.66 3.49
N ASP C 51 -56.87 22.95 3.22
CA ASP C 51 -56.34 23.29 1.91
C ASP C 51 -54.93 22.77 1.70
N LEU C 52 -54.07 22.87 2.72
CA LEU C 52 -52.68 22.52 2.50
C LEU C 52 -52.54 21.02 2.29
N LYS C 53 -53.35 20.27 3.02
CA LYS C 53 -53.39 18.83 2.86
C LYS C 53 -53.77 18.47 1.43
N TRP C 54 -54.87 19.03 0.95
CA TRP C 54 -55.28 18.80 -0.43
C TRP C 54 -54.18 19.19 -1.38
N ALA C 55 -53.41 20.23 -1.04
CA ALA C 55 -52.30 20.64 -1.88
C ALA C 55 -51.24 19.55 -1.98
N PHE C 56 -50.91 18.93 -0.87
CA PHE C 56 -49.96 17.84 -0.97
C PHE C 56 -50.55 16.64 -1.70
N SER C 57 -51.85 16.39 -1.53
CA SER C 57 -52.54 15.36 -2.29
C SER C 57 -52.45 15.61 -3.79
N LYS C 58 -52.68 16.84 -4.18
CA LYS C 58 -52.61 17.31 -5.56
C LYS C 58 -51.20 17.09 -6.07
N HIS C 59 -50.24 17.84 -5.53
CA HIS C 59 -48.88 17.77 -6.03
C HIS C 59 -48.32 16.35 -6.00
N GLU C 60 -48.76 15.51 -5.04
CA GLU C 60 -48.40 14.10 -5.06
C GLU C 60 -49.00 13.37 -6.27
N THR C 61 -50.22 13.72 -6.67
CA THR C 61 -50.76 13.00 -7.83
C THR C 61 -50.18 13.52 -9.15
N ALA C 62 -49.93 14.83 -9.23
CA ALA C 62 -49.05 15.34 -10.28
C ALA C 62 -47.77 14.51 -10.35
N LYS C 63 -47.17 14.20 -9.19
CA LYS C 63 -45.95 13.39 -9.14
C LYS C 63 -46.19 12.00 -9.73
N ASN C 64 -47.34 11.42 -9.43
CA ASN C 64 -47.67 10.13 -10.02
C ASN C 64 -47.72 10.25 -11.54
N LYS C 65 -48.32 11.33 -12.03
CA LYS C 65 -48.31 11.55 -13.47
C LYS C 65 -46.87 11.63 -13.96
N MET C 66 -46.01 12.25 -13.16
CA MET C 66 -44.61 12.41 -13.53
C MET C 66 -43.99 11.05 -13.74
N ASN C 67 -44.08 10.21 -12.73
CA ASN C 67 -43.45 8.90 -12.80
C ASN C 67 -44.06 8.06 -13.90
N TYR C 68 -45.36 8.24 -14.18
CA TYR C 68 -45.96 7.61 -15.34
C TYR C 68 -45.29 8.04 -16.63
N LYS C 69 -45.13 9.35 -16.81
CA LYS C 69 -44.57 9.88 -18.05
C LYS C 69 -43.06 9.73 -18.15
N GLN C 70 -42.40 9.53 -17.01
CA GLN C 70 -40.94 9.44 -16.96
C GLN C 70 -40.37 8.40 -17.91
N LYS C 71 -41.13 7.35 -18.20
CA LYS C 71 -40.64 6.34 -19.14
C LYS C 71 -40.46 6.94 -20.53
N ASP C 72 -41.50 7.61 -21.03
CA ASP C 72 -41.37 8.23 -22.34
C ASP C 72 -40.33 9.34 -22.33
N LEU C 73 -40.13 10.01 -21.19
CA LEU C 73 -39.09 11.04 -21.15
C LEU C 73 -37.70 10.44 -21.32
N ASP C 74 -37.46 9.31 -20.68
CA ASP C 74 -36.17 8.64 -20.83
C ASP C 74 -36.00 8.11 -22.26
N ASN C 75 -37.07 7.52 -22.80
CA ASN C 75 -37.07 7.12 -24.21
C ASN C 75 -36.73 8.32 -25.08
N PHE C 76 -37.16 9.50 -24.65
CA PHE C 76 -36.92 10.71 -25.42
C PHE C 76 -35.43 11.01 -25.47
N THR C 77 -34.78 10.96 -24.31
CA THR C 77 -33.33 11.22 -24.32
C THR C 77 -32.55 10.18 -25.14
N SER C 78 -32.89 8.89 -24.98
CA SER C 78 -32.27 7.83 -25.79
C SER C 78 -32.36 8.09 -27.30
N LYS C 79 -33.60 8.20 -27.78
CA LYS C 79 -33.86 8.38 -29.21
C LYS C 79 -33.21 9.67 -29.69
N GLY C 80 -33.21 10.70 -28.83
CA GLY C 80 -32.64 11.99 -29.18
C GLY C 80 -31.15 11.87 -29.44
N LYS C 81 -30.44 11.16 -28.56
CA LYS C 81 -29.02 10.97 -28.76
C LYS C 81 -28.80 10.28 -30.10
N HIS C 82 -29.56 9.21 -30.37
CA HIS C 82 -29.41 8.52 -31.65
C HIS C 82 -29.65 9.46 -32.84
N LEU C 83 -30.77 10.19 -32.84
CA LEU C 83 -31.12 11.11 -33.93
C LEU C 83 -30.03 12.16 -34.14
N LEU C 84 -29.58 12.80 -33.06
CA LEU C 84 -28.54 13.81 -33.20
C LEU C 84 -27.29 13.17 -33.77
N SER C 85 -27.00 11.94 -33.35
CA SER C 85 -25.83 11.22 -33.84
C SER C 85 -25.91 10.99 -35.35
N GLU C 86 -27.10 10.70 -35.86
CA GLU C 86 -27.19 10.50 -37.31
C GLU C 86 -27.04 11.80 -38.08
N LEU C 87 -27.44 12.92 -37.49
CA LEU C 87 -27.33 14.22 -38.15
C LEU C 87 -25.88 14.61 -38.47
N SER C 96 -23.18 26.90 -36.15
CA SER C 96 -24.39 27.39 -35.52
C SER C 96 -25.60 26.58 -35.96
N LEU C 97 -25.64 25.31 -35.58
CA LEU C 97 -26.80 24.48 -35.91
C LEU C 97 -27.86 24.45 -34.82
N VAL C 98 -28.41 23.27 -34.55
CA VAL C 98 -29.61 23.14 -33.73
C VAL C 98 -29.29 22.63 -32.32
N LYS C 99 -28.01 22.57 -31.94
CA LYS C 99 -27.62 22.26 -30.56
C LYS C 99 -28.44 23.03 -29.53
N THR C 100 -28.68 24.31 -29.82
CA THR C 100 -29.53 25.15 -28.99
C THR C 100 -30.86 24.48 -28.61
N ASP C 101 -31.44 23.71 -29.52
CA ASP C 101 -32.75 23.11 -29.25
C ASP C 101 -32.68 22.13 -28.09
N MET C 102 -31.75 21.18 -28.18
CA MET C 102 -31.64 20.18 -27.14
C MET C 102 -31.30 20.83 -25.82
N GLU C 103 -30.28 21.71 -25.81
CA GLU C 103 -29.91 22.33 -24.53
C GLU C 103 -31.04 23.17 -23.93
N SER C 104 -31.81 23.91 -24.73
CA SER C 104 -32.92 24.70 -24.21
C SER C 104 -34.00 23.81 -23.61
N THR C 105 -34.34 22.74 -24.35
CA THR C 105 -35.33 21.80 -23.86
C THR C 105 -34.82 21.18 -22.57
N VAL C 106 -33.50 20.94 -22.51
CA VAL C 106 -32.87 20.31 -21.35
C VAL C 106 -33.02 21.22 -20.13
N ASP C 107 -32.73 22.50 -20.31
CA ASP C 107 -32.77 23.41 -19.19
C ASP C 107 -34.18 23.51 -18.65
N LYS C 108 -35.15 23.66 -19.57
CA LYS C 108 -36.53 23.72 -19.11
C LYS C 108 -36.98 22.40 -18.44
N TRP C 109 -36.65 21.24 -19.02
CA TRP C 109 -37.06 19.96 -18.42
C TRP C 109 -36.47 19.73 -17.03
N LEU C 110 -35.20 20.08 -16.83
CA LEU C 110 -34.61 20.00 -15.50
C LEU C 110 -35.39 20.91 -14.57
N ASP C 111 -35.62 22.13 -15.04
CA ASP C 111 -36.32 23.15 -14.26
C ASP C 111 -37.70 22.67 -13.84
N VAL C 112 -38.46 22.06 -14.75
CA VAL C 112 -39.81 21.66 -14.39
C VAL C 112 -39.77 20.43 -13.51
N SER C 113 -38.77 19.55 -13.71
CA SER C 113 -38.68 18.37 -12.87
C SER C 113 -38.39 18.78 -11.42
N GLU C 114 -37.30 19.53 -11.21
CA GLU C 114 -37.03 20.15 -9.91
C GLU C 114 -38.23 20.95 -9.40
N LYS C 115 -38.94 21.61 -10.30
CA LYS C 115 -39.98 22.55 -9.90
C LYS C 115 -41.11 21.81 -9.23
N LEU C 116 -41.57 20.73 -9.85
CA LEU C 116 -42.62 19.98 -9.21
C LEU C 116 -42.06 19.20 -8.02
N GLU C 117 -40.75 18.94 -8.02
CA GLU C 117 -40.11 18.37 -6.85
C GLU C 117 -40.39 19.22 -5.61
N GLU C 118 -39.98 20.48 -5.66
CA GLU C 118 -40.25 21.31 -4.50
C GLU C 118 -41.69 21.81 -4.39
N ASN C 119 -42.51 21.70 -5.45
CA ASN C 119 -43.94 21.99 -5.29
C ASN C 119 -44.66 20.95 -4.42
N MET C 120 -44.52 19.67 -4.77
CA MET C 120 -44.93 18.59 -3.87
C MET C 120 -44.32 18.77 -2.49
N ASP C 121 -43.06 19.18 -2.44
CA ASP C 121 -42.37 19.31 -1.16
C ASP C 121 -43.04 20.36 -0.29
N ARG C 122 -43.08 21.61 -0.76
CA ARG C 122 -43.81 22.66 -0.07
C ARG C 122 -45.25 22.28 0.22
N LEU C 123 -45.89 21.48 -0.64
CA LEU C 123 -47.29 21.20 -0.37
C LEU C 123 -47.43 20.29 0.84
N ARG C 124 -46.61 19.25 0.93
CA ARG C 124 -46.48 18.49 2.17
C ARG C 124 -46.08 19.38 3.36
N VAL C 125 -45.02 20.17 3.17
CA VAL C 125 -44.39 20.99 4.21
C VAL C 125 -45.30 22.12 4.65
N SER C 126 -46.47 22.20 4.03
CA SER C 126 -47.47 23.16 4.44
C SER C 126 -48.73 22.46 4.87
N LEU C 127 -48.91 21.20 4.48
CA LEU C 127 -49.98 20.45 5.08
C LEU C 127 -49.63 20.21 6.53
N SER C 128 -48.32 20.21 6.83
CA SER C 128 -47.75 19.90 8.12
C SER C 128 -48.46 20.65 9.24
N SER D 1 -0.48 -18.37 -40.83
CA SER D 1 -1.43 -18.52 -39.73
C SER D 1 -2.30 -17.29 -39.57
N VAL D 2 -3.12 -17.00 -40.57
CA VAL D 2 -3.83 -15.73 -40.67
C VAL D 2 -5.32 -15.87 -40.35
N VAL D 3 -5.96 -14.72 -40.07
CA VAL D 3 -7.39 -14.60 -39.76
C VAL D 3 -7.99 -13.42 -40.55
N THR D 4 -9.14 -13.64 -41.23
CA THR D 4 -9.84 -12.63 -42.03
C THR D 4 -11.13 -12.14 -41.34
N VAL D 5 -11.16 -10.87 -40.91
CA VAL D 5 -12.35 -10.37 -40.20
C VAL D 5 -13.16 -9.24 -40.84
N ARG D 6 -14.29 -8.89 -40.17
CA ARG D 6 -15.13 -7.73 -40.46
C ARG D 6 -14.96 -6.69 -39.35
N VAL D 7 -14.58 -5.48 -39.71
CA VAL D 7 -14.34 -4.40 -38.75
C VAL D 7 -15.27 -3.20 -38.87
N GLN D 8 -15.44 -2.52 -37.74
CA GLN D 8 -16.26 -1.32 -37.57
C GLN D 8 -15.64 -0.52 -36.43
N TYR D 9 -15.73 0.80 -36.51
CA TYR D 9 -15.27 1.66 -35.43
C TYR D 9 -16.45 2.23 -34.67
N LEU D 10 -16.14 2.81 -33.52
CA LEU D 10 -17.13 3.49 -32.67
C LEU D 10 -16.48 4.81 -32.27
N GLU D 11 -17.12 5.94 -32.61
CA GLU D 11 -16.60 7.28 -32.30
C GLU D 11 -17.01 7.59 -30.82
N ASP D 12 -16.15 7.39 -29.82
CA ASP D 12 -16.45 7.62 -28.41
C ASP D 12 -15.33 8.42 -27.74
N THR D 13 -14.61 9.26 -28.49
CA THR D 13 -13.53 10.04 -27.87
C THR D 13 -14.14 10.92 -26.78
N ASP D 14 -15.32 11.46 -27.05
CA ASP D 14 -16.11 12.19 -26.08
C ASP D 14 -17.22 11.26 -25.59
N PRO D 15 -17.17 10.78 -24.34
CA PRO D 15 -18.24 9.88 -23.83
C PRO D 15 -19.59 10.54 -23.53
N PHE D 16 -19.67 11.87 -23.44
CA PHE D 16 -20.91 12.62 -23.19
C PHE D 16 -21.67 12.94 -24.48
N ALA D 17 -21.22 12.40 -25.60
CA ALA D 17 -21.83 12.70 -26.89
C ALA D 17 -21.59 11.56 -27.86
N CYS D 18 -21.73 10.31 -27.41
CA CYS D 18 -21.41 9.19 -28.29
C CYS D 18 -22.44 9.12 -29.41
N ALA D 19 -21.94 9.02 -30.65
CA ALA D 19 -22.70 8.56 -31.80
C ALA D 19 -23.28 7.16 -31.60
N ASN D 20 -24.33 6.87 -32.37
CA ASN D 20 -25.06 5.64 -32.17
C ASN D 20 -24.75 4.58 -33.22
N PHE D 21 -24.40 4.98 -34.45
CA PHE D 21 -24.21 3.97 -35.50
C PHE D 21 -22.73 3.67 -35.68
N PRO D 22 -22.33 2.41 -35.76
CA PRO D 22 -20.96 2.13 -36.20
C PRO D 22 -20.90 2.25 -37.72
N GLU D 23 -19.88 2.95 -38.21
CA GLU D 23 -19.65 3.12 -39.63
C GLU D 23 -18.42 2.32 -40.09
N PRO D 24 -18.37 1.91 -41.37
CA PRO D 24 -19.51 2.08 -42.28
C PRO D 24 -20.56 1.06 -41.96
N ARG D 25 -21.75 1.30 -42.48
CA ARG D 25 -22.83 0.34 -42.34
C ARG D 25 -22.43 -1.01 -42.90
N ARG D 26 -21.75 -1.02 -44.04
CA ARG D 26 -21.28 -2.25 -44.67
C ARG D 26 -19.83 -2.50 -44.26
N ALA D 27 -19.65 -3.36 -43.24
CA ALA D 27 -18.32 -3.45 -42.62
C ALA D 27 -17.30 -3.99 -43.62
N PRO D 28 -16.16 -3.30 -43.79
CA PRO D 28 -15.04 -3.88 -44.55
C PRO D 28 -14.32 -5.07 -43.90
N THR D 29 -13.71 -5.87 -44.78
CA THR D 29 -12.97 -7.08 -44.43
C THR D 29 -11.48 -6.78 -44.53
N CYS D 30 -10.68 -7.35 -43.63
CA CYS D 30 -9.23 -7.28 -43.82
C CYS D 30 -8.55 -8.45 -43.10
N SER D 31 -7.29 -8.75 -43.48
CA SER D 31 -6.63 -9.94 -42.98
C SER D 31 -5.57 -9.56 -41.95
N LEU D 32 -5.58 -10.25 -40.82
CA LEU D 32 -4.67 -10.13 -39.68
C LEU D 32 -3.83 -11.40 -39.48
N ASP D 33 -3.39 -11.62 -38.24
CA ASP D 33 -2.63 -12.80 -37.84
C ASP D 33 -3.03 -13.20 -36.43
N GLY D 34 -3.53 -14.42 -36.30
CA GLY D 34 -4.12 -14.91 -35.09
C GLY D 34 -3.08 -15.23 -34.05
N ALA D 35 -1.82 -15.28 -34.45
CA ALA D 35 -0.73 -15.72 -33.61
C ALA D 35 0.24 -14.59 -33.34
N LEU D 36 -0.01 -13.40 -33.89
CA LEU D 36 0.76 -12.19 -33.63
C LEU D 36 -0.03 -11.18 -32.81
N PRO D 37 0.68 -10.34 -32.06
CA PRO D 37 -0.02 -9.43 -31.15
C PRO D 37 -0.76 -8.39 -31.95
N LEU D 38 -1.87 -7.95 -31.39
CA LEU D 38 -2.80 -7.10 -32.12
C LEU D 38 -2.37 -5.62 -32.21
N GLY D 39 -1.68 -5.11 -31.18
CA GLY D 39 -1.30 -3.70 -31.17
C GLY D 39 -0.66 -3.20 -32.46
N ALA D 40 0.35 -3.92 -32.96
CA ALA D 40 1.03 -3.53 -34.18
C ALA D 40 0.13 -3.65 -35.39
N GLN D 41 -0.94 -4.45 -35.25
CA GLN D 41 -1.89 -4.73 -36.31
C GLN D 41 -3.01 -3.71 -36.36
N ILE D 42 -3.17 -2.97 -35.26
CA ILE D 42 -4.24 -1.97 -35.21
C ILE D 42 -4.05 -0.85 -36.23
N PRO D 43 -2.83 -0.40 -36.55
CA PRO D 43 -2.71 0.67 -37.55
C PRO D 43 -3.18 0.36 -38.96
N ALA D 44 -2.92 -0.85 -39.48
CA ALA D 44 -3.41 -1.15 -40.82
C ALA D 44 -4.91 -1.00 -40.91
N VAL D 45 -5.63 -1.58 -39.96
CA VAL D 45 -7.08 -1.47 -39.98
C VAL D 45 -7.55 -0.05 -39.62
N HIS D 46 -6.80 0.66 -38.76
CA HIS D 46 -7.14 2.06 -38.41
C HIS D 46 -7.08 2.97 -39.63
N ARG D 47 -6.14 2.73 -40.52
CA ARG D 47 -6.08 3.55 -41.73
C ARG D 47 -7.08 3.01 -42.73
N LEU D 48 -7.26 1.68 -42.76
CA LEU D 48 -8.31 1.06 -43.55
C LEU D 48 -9.65 1.71 -43.28
N LEU D 49 -9.87 2.11 -42.05
CA LEU D 49 -11.12 2.73 -41.70
C LEU D 49 -11.08 4.24 -41.84
N GLY D 50 -9.88 4.83 -41.82
CA GLY D 50 -9.81 6.28 -41.82
C GLY D 50 -10.56 6.85 -40.64
N ALA D 51 -10.34 6.29 -39.45
CA ALA D 51 -11.13 6.64 -38.28
C ALA D 51 -10.59 7.93 -37.63
N PRO D 52 -11.49 8.75 -37.04
CA PRO D 52 -11.07 9.96 -36.33
C PRO D 52 -10.72 9.75 -34.86
N LEU D 53 -9.96 8.69 -34.59
CA LEU D 53 -9.70 8.21 -33.25
C LEU D 53 -8.22 8.39 -32.97
N LYS D 54 -7.89 8.90 -31.78
CA LYS D 54 -6.49 9.01 -31.42
C LYS D 54 -5.97 7.57 -31.32
N LEU D 55 -5.20 7.18 -32.35
CA LEU D 55 -4.72 5.81 -32.46
C LEU D 55 -4.07 5.31 -31.16
N GLU D 56 -3.45 6.21 -30.40
CA GLU D 56 -2.78 5.82 -29.17
C GLU D 56 -3.67 5.84 -27.91
N ASP D 57 -4.93 6.29 -28.00
CA ASP D 57 -5.95 6.09 -26.96
C ASP D 57 -7.03 5.07 -27.31
N CYS D 58 -6.78 4.22 -28.32
CA CYS D 58 -7.82 3.31 -28.85
C CYS D 58 -7.88 1.98 -28.07
N ALA D 59 -9.00 1.29 -28.24
CA ALA D 59 -9.25 -0.03 -27.66
C ALA D 59 -10.21 -0.82 -28.54
N LEU D 60 -10.26 -2.13 -28.30
CA LEU D 60 -11.09 -3.06 -29.08
C LEU D 60 -12.08 -3.91 -28.30
N GLN D 61 -13.33 -3.90 -28.74
CA GLN D 61 -14.43 -4.62 -28.10
C GLN D 61 -14.89 -5.64 -29.13
N VAL D 62 -15.02 -6.90 -28.70
CA VAL D 62 -15.58 -7.85 -29.62
C VAL D 62 -17.08 -7.58 -29.70
N SER D 63 -17.61 -7.53 -30.92
CA SER D 63 -18.93 -6.94 -31.03
C SER D 63 -19.87 -7.79 -30.22
N PRO D 64 -20.28 -8.99 -30.68
CA PRO D 64 -21.34 -9.66 -29.92
C PRO D 64 -20.87 -9.98 -28.52
N SER D 65 -19.60 -10.36 -28.33
CA SER D 65 -19.20 -10.83 -27.01
C SER D 65 -19.03 -9.68 -26.01
N GLY D 66 -18.55 -8.52 -26.47
CA GLY D 66 -18.29 -7.38 -25.60
C GLY D 66 -16.90 -7.35 -24.98
N TYR D 67 -16.07 -8.33 -25.32
CA TYR D 67 -14.76 -8.51 -24.68
C TYR D 67 -13.78 -7.41 -25.06
N TYR D 68 -13.05 -6.89 -24.08
CA TYR D 68 -12.00 -5.92 -24.36
C TYR D 68 -10.68 -6.64 -24.53
N LEU D 69 -10.12 -6.57 -25.72
CA LEU D 69 -8.87 -7.25 -25.98
C LEU D 69 -7.74 -6.65 -25.17
N ASP D 70 -6.91 -7.53 -24.62
CA ASP D 70 -5.63 -7.06 -24.13
C ASP D 70 -4.81 -6.75 -25.37
N THR D 71 -4.37 -5.53 -25.48
CA THR D 71 -3.95 -5.03 -26.77
C THR D 71 -2.56 -5.52 -27.17
N GLU D 72 -1.78 -6.09 -26.24
CA GLU D 72 -0.42 -6.54 -26.53
C GLU D 72 -0.17 -8.03 -26.22
N LEU D 73 -1.15 -8.90 -26.33
CA LEU D 73 -0.88 -10.30 -26.55
C LEU D 73 -1.61 -10.75 -27.80
N SER D 74 -1.08 -11.78 -28.46
CA SER D 74 -1.61 -12.26 -29.73
C SER D 74 -3.03 -12.81 -29.55
N LEU D 75 -3.66 -13.20 -30.66
CA LEU D 75 -4.98 -13.83 -30.59
C LEU D 75 -4.97 -15.25 -29.99
N GLU D 76 -3.92 -16.05 -30.21
CA GLU D 76 -3.87 -17.43 -29.71
C GLU D 76 -3.68 -17.54 -28.19
N GLU D 77 -3.08 -16.55 -27.55
CA GLU D 77 -2.80 -16.61 -26.12
C GLU D 77 -4.03 -16.31 -25.30
N GLN D 78 -4.97 -15.54 -25.86
CA GLN D 78 -6.26 -15.32 -25.24
C GLN D 78 -7.39 -16.16 -25.85
N ARG D 79 -7.05 -17.37 -26.31
CA ARG D 79 -8.06 -18.29 -26.86
C ARG D 79 -9.20 -18.55 -25.89
N GLU D 80 -8.89 -18.65 -24.59
CA GLU D 80 -9.91 -18.96 -23.60
C GLU D 80 -11.02 -17.93 -23.47
N MET D 81 -10.88 -16.73 -24.00
CA MET D 81 -11.98 -15.76 -23.92
C MET D 81 -12.67 -15.57 -25.24
N LEU D 82 -12.32 -16.34 -26.26
CA LEU D 82 -12.89 -16.12 -27.57
C LEU D 82 -13.56 -17.38 -28.06
N GLU D 83 -14.32 -18.03 -27.18
CA GLU D 83 -14.92 -19.30 -27.56
C GLU D 83 -15.95 -19.05 -28.66
N GLY D 84 -16.94 -18.18 -28.39
CA GLY D 84 -17.93 -17.83 -29.41
C GLY D 84 -17.29 -17.28 -30.67
N PHE D 85 -16.14 -16.63 -30.52
CA PHE D 85 -15.39 -16.10 -31.65
C PHE D 85 -14.98 -17.21 -32.58
N TYR D 86 -14.22 -18.15 -32.05
CA TYR D 86 -13.80 -19.24 -32.87
C TYR D 86 -14.97 -20.10 -33.31
N GLU D 87 -16.11 -20.05 -32.60
CA GLU D 87 -17.26 -20.80 -33.10
C GLU D 87 -17.96 -20.12 -34.27
N GLU D 88 -18.04 -18.80 -34.28
CA GLU D 88 -18.52 -18.11 -35.47
C GLU D 88 -17.62 -18.39 -36.64
N ILE D 89 -16.32 -18.33 -36.39
CA ILE D 89 -15.37 -18.59 -37.45
C ILE D 89 -15.55 -20.01 -37.95
N SER D 90 -15.72 -20.96 -37.02
CA SER D 90 -15.86 -22.35 -37.40
C SER D 90 -17.17 -22.58 -38.12
N LYS D 91 -18.18 -21.76 -37.82
CA LYS D 91 -19.40 -21.72 -38.61
C LYS D 91 -19.16 -21.13 -39.99
N GLY D 92 -18.00 -20.52 -40.23
CA GLY D 92 -17.71 -19.95 -41.53
C GLY D 92 -18.24 -18.57 -41.71
N ARG D 93 -18.63 -17.94 -40.63
CA ARG D 93 -19.07 -16.57 -40.61
C ARG D 93 -17.90 -15.68 -40.22
N LYS D 94 -18.04 -14.37 -40.45
CA LYS D 94 -17.04 -13.44 -39.96
C LYS D 94 -17.56 -12.67 -38.75
N PRO D 95 -16.99 -12.86 -37.56
CA PRO D 95 -17.39 -12.01 -36.42
C PRO D 95 -16.95 -10.57 -36.64
N THR D 96 -17.62 -9.65 -35.96
CA THR D 96 -17.39 -8.22 -36.14
C THR D 96 -16.73 -7.60 -34.92
N LEU D 97 -15.75 -6.72 -35.17
CA LEU D 97 -15.01 -6.02 -34.13
C LEU D 97 -15.20 -4.51 -34.11
N ILE D 98 -15.43 -3.97 -32.91
CA ILE D 98 -15.66 -2.54 -32.71
C ILE D 98 -14.38 -1.88 -32.21
N LEU D 99 -13.95 -0.86 -32.96
CA LEU D 99 -12.93 0.09 -32.56
C LEU D 99 -13.56 1.21 -31.76
N ARG D 100 -13.13 1.36 -30.50
CA ARG D 100 -13.71 2.38 -29.65
C ARG D 100 -12.59 2.92 -28.75
N THR D 101 -12.95 3.76 -27.82
CA THR D 101 -11.99 4.34 -26.91
C THR D 101 -11.82 3.40 -25.72
N GLN D 102 -10.61 3.40 -25.15
CA GLN D 102 -10.37 2.58 -23.98
C GLN D 102 -11.29 2.99 -22.86
N LEU D 103 -11.68 2.00 -22.05
CA LEU D 103 -12.48 2.31 -20.89
C LEU D 103 -11.73 3.30 -20.02
N SER D 104 -10.42 3.09 -19.90
CA SER D 104 -9.55 4.02 -19.18
C SER D 104 -9.64 5.45 -19.74
N VAL D 105 -9.44 5.61 -21.05
CA VAL D 105 -9.44 6.94 -21.67
C VAL D 105 -10.81 7.62 -21.54
N ARG D 106 -11.88 6.86 -21.67
CA ARG D 106 -13.21 7.43 -21.57
C ARG D 106 -13.51 7.88 -20.14
N VAL D 107 -13.12 7.06 -19.17
CA VAL D 107 -13.31 7.46 -17.79
C VAL D 107 -12.40 8.65 -17.47
N ASN D 108 -11.23 8.73 -18.11
CA ASN D 108 -10.33 9.88 -17.94
C ASN D 108 -10.93 11.18 -18.46
N ALA D 109 -11.53 11.12 -19.65
CA ALA D 109 -12.18 12.31 -20.18
C ALA D 109 -13.32 12.72 -19.28
N ILE D 110 -14.00 11.73 -18.72
CA ILE D 110 -15.10 12.00 -17.81
C ILE D 110 -14.61 12.69 -16.55
N LEU D 111 -13.60 12.09 -15.89
CA LEU D 111 -13.05 12.68 -14.68
C LEU D 111 -12.48 14.07 -14.93
N GLU D 112 -11.88 14.30 -16.10
CA GLU D 112 -11.51 15.65 -16.48
C GLU D 112 -12.72 16.57 -16.40
N LYS D 113 -13.76 16.27 -17.19
CA LYS D 113 -14.84 17.25 -17.29
C LYS D 113 -15.53 17.44 -15.94
N LEU D 114 -15.61 16.39 -15.12
CA LEU D 114 -16.15 16.56 -13.77
C LEU D 114 -15.28 17.46 -12.92
N TYR D 115 -13.96 17.33 -13.06
CA TYR D 115 -13.05 18.09 -12.23
C TYR D 115 -12.89 19.53 -12.73
N SER D 116 -13.29 19.83 -13.97
CA SER D 116 -13.01 21.13 -14.58
C SER D 116 -14.25 21.91 -14.97
N SER D 117 -15.46 21.36 -14.80
CA SER D 117 -16.66 22.04 -15.24
C SER D 117 -17.48 22.50 -14.04
N SER D 118 -18.55 23.22 -14.35
CA SER D 118 -19.29 23.92 -13.31
C SER D 118 -20.59 24.43 -13.91
N GLY D 119 -21.51 24.79 -13.01
CA GLY D 119 -22.75 25.43 -13.39
C GLY D 119 -23.71 24.57 -14.19
N PRO D 120 -24.18 25.14 -15.30
CA PRO D 120 -25.03 24.36 -16.22
C PRO D 120 -24.31 23.20 -16.86
N GLU D 121 -23.03 23.40 -17.19
CA GLU D 121 -22.21 22.36 -17.77
C GLU D 121 -22.26 21.11 -16.87
N LEU D 122 -21.83 21.30 -15.63
CA LEU D 122 -21.69 20.22 -14.65
C LEU D 122 -23.02 19.48 -14.48
N ARG D 123 -24.11 20.25 -14.40
CA ARG D 123 -25.47 19.71 -14.20
C ARG D 123 -25.89 18.79 -15.34
N ARG D 124 -25.74 19.27 -16.57
CA ARG D 124 -26.05 18.45 -17.74
C ARG D 124 -25.31 17.12 -17.65
N SER D 125 -24.02 17.18 -17.30
CA SER D 125 -23.22 15.95 -17.25
C SER D 125 -23.82 14.97 -16.26
N LEU D 126 -24.19 15.47 -15.07
CA LEU D 126 -24.79 14.59 -14.07
C LEU D 126 -26.08 13.97 -14.58
N PHE D 127 -26.86 14.71 -15.36
CA PHE D 127 -28.07 14.06 -15.85
C PHE D 127 -27.79 12.89 -16.76
N SER D 128 -26.79 13.02 -17.61
CA SER D 128 -26.62 11.91 -18.54
C SER D 128 -26.00 10.67 -17.91
N LEU D 129 -25.29 10.87 -16.80
CA LEU D 129 -24.56 9.78 -16.17
C LEU D 129 -25.37 8.51 -15.88
N LYS D 130 -26.62 8.67 -15.44
CA LYS D 130 -27.44 7.51 -15.14
C LYS D 130 -27.57 6.54 -16.31
N GLN D 131 -28.04 7.06 -17.42
CA GLN D 131 -28.31 6.19 -18.54
C GLN D 131 -27.00 5.64 -19.11
N ILE D 132 -25.94 6.46 -19.09
CA ILE D 132 -24.64 5.98 -19.57
C ILE D 132 -24.24 4.70 -18.83
N PHE D 133 -24.45 4.69 -17.53
CA PHE D 133 -24.12 3.47 -16.79
C PHE D 133 -25.06 2.37 -17.13
N GLN D 134 -26.33 2.69 -17.35
CA GLN D 134 -27.24 1.60 -17.73
C GLN D 134 -26.72 0.88 -18.96
N GLU D 135 -26.31 1.61 -19.98
CA GLU D 135 -26.04 0.93 -21.24
C GLU D 135 -24.58 0.60 -21.49
N ASP D 136 -23.65 1.02 -20.65
CA ASP D 136 -22.40 0.29 -20.67
C ASP D 136 -21.92 0.05 -19.24
N LYS D 137 -22.41 -1.03 -18.70
CA LYS D 137 -22.01 -1.48 -17.38
C LYS D 137 -20.51 -1.69 -17.31
N ASP D 138 -19.91 -2.08 -18.44
CA ASP D 138 -18.47 -2.33 -18.51
C ASP D 138 -17.62 -1.14 -18.05
N LEU D 139 -18.17 0.07 -18.03
CA LEU D 139 -17.39 1.21 -17.55
C LEU D 139 -17.16 1.15 -16.05
N VAL D 140 -18.02 0.44 -15.34
CA VAL D 140 -18.04 0.51 -13.88
C VAL D 140 -16.74 0.05 -13.23
N PRO D 141 -16.09 -1.05 -13.66
CA PRO D 141 -14.82 -1.43 -13.01
C PRO D 141 -13.75 -0.38 -13.21
N GLU D 142 -13.55 0.09 -14.45
CA GLU D 142 -12.57 1.14 -14.71
C GLU D 142 -12.88 2.36 -13.88
N PHE D 143 -14.17 2.65 -13.73
CA PHE D 143 -14.59 3.71 -12.82
C PHE D 143 -14.00 3.51 -11.44
N VAL D 144 -14.20 2.33 -10.84
CA VAL D 144 -13.64 2.12 -9.51
C VAL D 144 -12.13 2.32 -9.56
N HIS D 145 -11.50 1.91 -10.67
CA HIS D 145 -10.06 2.05 -10.79
C HIS D 145 -9.58 3.50 -10.85
N SER D 146 -10.39 4.44 -11.35
CA SER D 146 -9.87 5.81 -11.51
C SER D 146 -10.26 6.80 -10.42
N GLU D 147 -10.55 6.34 -9.21
CA GLU D 147 -10.93 7.22 -8.09
C GLU D 147 -12.14 8.11 -8.43
N GLY D 148 -13.00 7.61 -9.32
CA GLY D 148 -14.22 8.34 -9.64
C GLY D 148 -15.11 8.60 -8.44
N LEU D 149 -15.06 7.70 -7.45
CA LEU D 149 -15.78 7.93 -6.20
C LEU D 149 -15.20 9.09 -5.42
N SER D 150 -13.86 9.16 -5.32
CA SER D 150 -13.25 10.35 -4.73
C SER D 150 -13.79 11.59 -5.40
N CYS D 151 -13.94 11.55 -6.73
CA CYS D 151 -14.48 12.69 -7.42
C CYS D 151 -15.92 12.97 -6.98
N LEU D 152 -16.75 11.92 -7.01
CA LEU D 152 -18.16 12.07 -6.67
C LEU D 152 -18.38 12.63 -5.27
N ILE D 153 -17.65 12.13 -4.29
CA ILE D 153 -17.83 12.61 -2.93
C ILE D 153 -17.30 14.04 -2.78
N ARG D 154 -16.14 14.31 -3.37
CA ARG D 154 -15.47 15.60 -3.23
C ARG D 154 -16.27 16.69 -3.93
N VAL D 155 -17.11 16.30 -4.87
CA VAL D 155 -18.07 17.20 -5.49
C VAL D 155 -19.36 17.30 -4.68
N GLY D 156 -19.97 16.19 -4.29
CA GLY D 156 -21.27 16.25 -3.63
C GLY D 156 -21.27 17.07 -2.36
N ALA D 157 -20.17 17.02 -1.59
CA ALA D 157 -20.16 17.74 -0.31
C ALA D 157 -20.17 19.27 -0.39
N ALA D 158 -20.11 19.89 -1.56
CA ALA D 158 -20.13 21.35 -1.66
C ALA D 158 -21.23 21.86 -2.59
N ALA D 159 -22.24 21.05 -2.90
CA ALA D 159 -23.26 21.34 -3.91
C ALA D 159 -24.65 21.47 -3.29
N ASP D 160 -25.59 21.98 -4.09
CA ASP D 160 -26.99 22.15 -3.68
C ASP D 160 -27.78 20.85 -3.76
N HIS D 161 -29.05 20.92 -3.31
CA HIS D 161 -29.80 19.69 -3.10
C HIS D 161 -30.12 19.05 -4.43
N ASN D 162 -30.25 19.86 -5.49
CA ASN D 162 -30.50 19.31 -6.80
C ASN D 162 -29.27 18.60 -7.32
N TYR D 163 -28.12 19.29 -7.26
CA TYR D 163 -26.87 18.68 -7.63
C TYR D 163 -26.63 17.36 -6.88
N GLN D 164 -26.90 17.35 -5.56
CA GLN D 164 -26.72 16.11 -4.80
C GLN D 164 -27.74 15.02 -5.15
N SER D 165 -29.00 15.41 -5.42
CA SER D 165 -30.03 14.42 -5.73
C SER D 165 -29.75 13.77 -7.08
N TYR D 166 -29.24 14.56 -8.01
CA TYR D 166 -28.87 14.02 -9.30
C TYR D 166 -27.70 13.04 -9.11
N ILE D 167 -26.70 13.46 -8.31
CA ILE D 167 -25.59 12.57 -7.94
C ILE D 167 -26.11 11.25 -7.37
N LEU D 168 -27.15 11.31 -6.54
CA LEU D 168 -27.62 10.11 -5.85
C LEU D 168 -28.43 9.18 -6.74
N ARG D 169 -29.18 9.74 -7.68
CA ARG D 169 -29.88 8.90 -8.66
C ARG D 169 -28.88 8.16 -9.52
N ALA D 170 -27.84 8.88 -9.96
CA ALA D 170 -26.73 8.26 -10.66
C ALA D 170 -26.17 7.14 -9.81
N LEU D 171 -26.02 7.39 -8.51
CA LEU D 171 -25.34 6.46 -7.63
C LEU D 171 -26.15 5.16 -7.51
N GLY D 172 -27.48 5.25 -7.43
CA GLY D 172 -28.27 4.04 -7.44
C GLY D 172 -28.06 3.24 -8.72
N GLN D 173 -27.93 3.96 -9.85
CA GLN D 173 -27.55 3.30 -11.10
C GLN D 173 -26.23 2.54 -10.98
N LEU D 174 -25.21 3.18 -10.42
CA LEU D 174 -23.95 2.48 -10.18
C LEU D 174 -24.18 1.19 -9.41
N MET D 175 -24.98 1.28 -8.33
CA MET D 175 -25.11 0.12 -7.44
C MET D 175 -25.94 -0.99 -8.03
N LEU D 176 -26.60 -0.77 -9.18
CA LEU D 176 -27.16 -1.96 -9.80
C LEU D 176 -26.09 -2.89 -10.37
N PHE D 177 -24.87 -2.38 -10.60
CA PHE D 177 -23.78 -3.18 -11.15
C PHE D 177 -22.75 -3.61 -10.11
N VAL D 178 -22.23 -4.82 -10.32
CA VAL D 178 -21.38 -5.52 -9.35
C VAL D 178 -20.10 -4.77 -9.00
N ASP D 179 -19.43 -4.23 -10.00
CA ASP D 179 -18.14 -3.59 -9.75
C ASP D 179 -18.32 -2.31 -8.94
N GLY D 180 -19.29 -1.50 -9.32
CA GLY D 180 -19.59 -0.29 -8.57
C GLY D 180 -20.01 -0.65 -7.16
N MET D 181 -20.74 -1.74 -7.03
CA MET D 181 -21.14 -2.20 -5.72
C MET D 181 -19.89 -2.43 -4.87
N LEU D 182 -18.91 -3.11 -5.47
CA LEU D 182 -17.67 -3.38 -4.77
C LEU D 182 -16.90 -2.12 -4.43
N GLY D 183 -16.94 -1.14 -5.32
CA GLY D 183 -16.31 0.13 -5.01
C GLY D 183 -16.95 0.85 -3.83
N VAL D 184 -18.28 0.77 -3.74
CA VAL D 184 -18.95 1.37 -2.59
C VAL D 184 -18.62 0.62 -1.31
N VAL D 185 -18.55 -0.71 -1.39
CA VAL D 185 -18.15 -1.49 -0.22
C VAL D 185 -16.75 -1.09 0.22
N ALA D 186 -15.92 -0.67 -0.72
CA ALA D 186 -14.55 -0.30 -0.37
C ALA D 186 -14.49 1.09 0.26
N HIS D 187 -15.33 2.02 -0.22
CA HIS D 187 -15.22 3.41 0.18
C HIS D 187 -16.00 3.70 1.46
N SER D 188 -15.32 3.75 2.60
CA SER D 188 -16.02 4.08 3.84
C SER D 188 -16.56 5.50 3.78
N ASP D 189 -15.77 6.41 3.18
CA ASP D 189 -16.15 7.81 3.07
C ASP D 189 -17.48 7.98 2.35
N THR D 190 -17.76 7.10 1.40
CA THR D 190 -19.01 7.21 0.65
C THR D 190 -20.19 7.06 1.58
N ILE D 191 -20.23 5.97 2.33
CA ILE D 191 -21.35 5.73 3.21
C ILE D 191 -21.43 6.84 4.24
N GLN D 192 -20.25 7.31 4.68
CA GLN D 192 -20.17 8.50 5.52
C GLN D 192 -20.90 9.68 4.87
N TRP D 193 -20.71 9.88 3.57
CA TRP D 193 -21.40 10.97 2.87
C TRP D 193 -22.90 10.72 2.85
N LEU D 194 -23.30 9.46 2.66
CA LEU D 194 -24.75 9.18 2.64
C LEU D 194 -25.36 9.49 3.99
N TYR D 195 -24.60 9.23 5.06
CA TYR D 195 -25.08 9.62 6.38
C TYR D 195 -25.15 11.14 6.49
N THR D 196 -24.12 11.84 6.03
CA THR D 196 -24.22 13.31 6.02
C THR D 196 -25.47 13.79 5.30
N LEU D 197 -25.79 13.17 4.16
CA LEU D 197 -26.98 13.57 3.39
C LEU D 197 -28.33 13.31 4.07
N CYS D 198 -28.40 12.42 5.07
CA CYS D 198 -29.65 12.17 5.79
C CYS D 198 -30.12 13.31 6.70
N ALA D 199 -29.34 14.37 6.87
CA ALA D 199 -29.74 15.55 7.64
C ALA D 199 -30.14 16.72 6.75
N SER D 200 -30.29 16.48 5.47
CA SER D 200 -30.60 17.52 4.51
C SER D 200 -32.00 18.08 4.76
N LEU D 201 -32.18 19.31 4.33
CA LEU D 201 -33.47 19.98 4.37
C LEU D 201 -34.34 19.60 3.20
N SER D 202 -33.78 18.90 2.22
CA SER D 202 -34.55 18.42 1.09
C SER D 202 -35.09 17.05 1.46
N ARG D 203 -36.42 16.98 1.59
CA ARG D 203 -37.08 15.76 2.01
C ARG D 203 -37.00 14.69 0.92
N LEU D 204 -36.86 15.10 -0.34
CA LEU D 204 -36.51 14.17 -1.41
C LEU D 204 -35.10 13.60 -1.21
N VAL D 205 -34.13 14.46 -0.91
CA VAL D 205 -32.77 14.01 -0.67
C VAL D 205 -32.72 13.05 0.51
N VAL D 206 -33.51 13.32 1.55
CA VAL D 206 -33.49 12.43 2.73
C VAL D 206 -34.07 11.07 2.35
N LYS D 207 -35.23 11.07 1.69
CA LYS D 207 -35.81 9.82 1.22
C LYS D 207 -34.80 9.04 0.42
N THR D 208 -34.10 9.73 -0.48
CA THR D 208 -33.16 9.06 -1.37
C THR D 208 -32.00 8.47 -0.59
N ALA D 209 -31.39 9.25 0.30
CA ALA D 209 -30.29 8.71 1.10
C ALA D 209 -30.75 7.49 1.88
N LEU D 210 -31.94 7.59 2.48
CA LEU D 210 -32.47 6.47 3.24
C LEU D 210 -32.68 5.22 2.39
N LYS D 211 -33.33 5.36 1.22
CA LYS D 211 -33.59 4.18 0.40
C LYS D 211 -32.34 3.59 -0.25
N LEU D 212 -31.35 4.40 -0.61
CA LEU D 212 -30.09 3.84 -1.09
C LEU D 212 -29.36 3.13 0.03
N LEU D 213 -29.40 3.69 1.23
CA LEU D 213 -28.82 2.98 2.36
C LEU D 213 -29.55 1.66 2.57
N LEU D 214 -30.86 1.63 2.25
CA LEU D 214 -31.60 0.36 2.32
C LEU D 214 -31.07 -0.62 1.30
N VAL D 215 -30.85 -0.16 0.07
CA VAL D 215 -30.23 -0.97 -0.97
C VAL D 215 -28.87 -1.49 -0.48
N PHE D 216 -28.13 -0.64 0.22
CA PHE D 216 -26.80 -0.96 0.71
C PHE D 216 -26.87 -2.10 1.71
N VAL D 217 -27.78 -2.00 2.68
CA VAL D 217 -27.86 -3.01 3.72
C VAL D 217 -28.55 -4.27 3.20
N GLU D 218 -29.32 -4.15 2.12
CA GLU D 218 -30.00 -5.31 1.57
C GLU D 218 -29.12 -6.14 0.66
N TYR D 219 -28.15 -5.51 -0.01
CA TYR D 219 -27.27 -6.28 -0.88
C TYR D 219 -26.56 -7.39 -0.09
N SER D 220 -25.72 -7.01 0.87
CA SER D 220 -25.08 -7.96 1.76
C SER D 220 -25.27 -7.55 3.22
N GLU D 221 -24.64 -8.34 4.09
CA GLU D 221 -24.67 -8.14 5.53
C GLU D 221 -23.29 -7.77 6.04
N ASN D 222 -22.25 -8.13 5.28
CA ASN D 222 -20.87 -7.83 5.60
C ASN D 222 -20.60 -6.34 5.67
N ASN D 223 -21.49 -5.52 5.12
CA ASN D 223 -21.28 -4.07 5.12
C ASN D 223 -22.09 -3.35 6.20
N ALA D 224 -22.90 -4.07 6.98
CA ALA D 224 -23.43 -3.51 8.22
C ALA D 224 -22.37 -2.99 9.20
N PRO D 225 -21.31 -3.73 9.53
CA PRO D 225 -20.25 -3.11 10.36
C PRO D 225 -19.59 -1.91 9.72
N LEU D 226 -19.42 -1.96 8.39
CA LEU D 226 -18.82 -0.83 7.72
C LEU D 226 -19.68 0.42 7.89
N PHE D 227 -21.00 0.26 7.71
CA PHE D 227 -21.97 1.31 8.00
C PHE D 227 -21.83 1.88 9.41
N ILE D 228 -21.91 1.01 10.42
CA ILE D 228 -21.93 1.52 11.78
C ILE D 228 -20.64 2.25 12.12
N ARG D 229 -19.51 1.77 11.59
CA ARG D 229 -18.23 2.41 11.87
C ARG D 229 -18.16 3.77 11.19
N ALA D 230 -18.65 3.85 9.95
CA ALA D 230 -18.74 5.12 9.23
C ALA D 230 -19.59 6.12 10.00
N VAL D 231 -20.72 5.67 10.54
CA VAL D 231 -21.60 6.56 11.30
C VAL D 231 -20.87 7.08 12.52
N ASN D 232 -20.13 6.20 13.21
CA ASN D 232 -19.44 6.67 14.40
C ASN D 232 -18.40 7.71 14.01
N SER D 233 -17.73 7.50 12.88
CA SER D 233 -16.67 8.43 12.49
C SER D 233 -17.23 9.78 12.06
N VAL D 234 -18.38 9.80 11.37
CA VAL D 234 -18.96 11.08 10.93
C VAL D 234 -19.51 11.87 12.11
N ALA D 235 -20.31 11.23 12.96
CA ALA D 235 -20.79 11.92 14.15
C ALA D 235 -19.62 12.43 14.96
N SER D 236 -18.53 11.67 14.98
CA SER D 236 -17.39 12.05 15.80
C SER D 236 -16.65 13.25 15.20
N THR D 237 -16.45 13.25 13.86
CA THR D 237 -15.81 14.40 13.19
C THR D 237 -16.65 15.67 13.27
N THR D 238 -17.98 15.57 13.26
CA THR D 238 -18.81 16.77 13.17
C THR D 238 -19.07 17.37 14.55
N GLY D 239 -18.83 16.59 15.62
CA GLY D 239 -19.05 16.96 16.98
C GLY D 239 -20.40 16.55 17.53
N ALA D 240 -21.21 15.91 16.72
CA ALA D 240 -22.54 15.50 17.12
C ALA D 240 -22.48 14.06 17.63
N PRO D 241 -23.49 13.62 18.38
CA PRO D 241 -23.49 12.22 18.81
C PRO D 241 -23.69 11.30 17.63
N PRO D 242 -23.16 10.08 17.70
CA PRO D 242 -23.52 9.08 16.68
C PRO D 242 -25.02 8.82 16.62
N TRP D 243 -25.55 8.82 15.39
CA TRP D 243 -26.90 8.39 15.00
C TRP D 243 -27.92 9.50 15.24
N ALA D 244 -27.48 10.70 15.62
CA ALA D 244 -28.41 11.78 15.96
C ALA D 244 -29.31 12.13 14.80
N ASN D 245 -28.83 11.88 13.59
CA ASN D 245 -29.54 12.29 12.40
C ASN D 245 -30.82 11.47 12.22
N LEU D 246 -30.71 10.15 12.40
CA LEU D 246 -31.88 9.29 12.27
C LEU D 246 -32.92 9.64 13.32
N VAL D 247 -32.52 9.70 14.58
CA VAL D 247 -33.49 9.94 15.63
C VAL D 247 -34.10 11.33 15.46
N SER D 248 -33.34 12.26 14.89
CA SER D 248 -33.93 13.55 14.55
C SER D 248 -35.03 13.38 13.53
N ILE D 249 -34.81 12.52 12.53
CA ILE D 249 -35.89 12.20 11.59
C ILE D 249 -37.06 11.61 12.37
N LEU D 250 -36.74 10.85 13.41
CA LEU D 250 -37.78 10.19 14.20
C LEU D 250 -38.61 11.20 14.99
N GLU D 251 -37.98 12.22 15.61
CA GLU D 251 -38.72 13.18 16.42
C GLU D 251 -39.02 14.50 15.68
N GLU D 252 -38.99 14.48 14.34
CA GLU D 252 -39.64 15.47 13.48
C GLU D 252 -39.65 16.91 14.01
N LYS D 253 -38.78 17.76 13.49
CA LYS D 253 -38.94 19.16 13.88
C LYS D 253 -40.11 19.77 13.13
N ASN D 254 -40.38 19.29 11.91
CA ASN D 254 -41.49 19.76 11.09
C ASN D 254 -42.77 18.96 11.26
N GLY D 255 -42.68 17.69 11.68
CA GLY D 255 -43.88 16.89 11.78
C GLY D 255 -43.80 15.57 11.04
N ALA D 256 -44.96 14.96 10.89
CA ALA D 256 -45.17 13.61 10.36
C ALA D 256 -44.80 13.44 8.88
N ASP D 257 -44.32 12.23 8.54
CA ASP D 257 -43.78 11.84 7.24
C ASP D 257 -43.67 10.32 7.15
N PRO D 258 -44.81 9.62 7.13
CA PRO D 258 -44.81 8.18 7.38
C PRO D 258 -43.81 7.42 6.56
N GLU D 259 -43.78 7.68 5.25
CA GLU D 259 -42.83 7.02 4.38
C GLU D 259 -41.37 7.19 4.82
N LEU D 260 -40.92 8.40 5.16
CA LEU D 260 -39.56 8.45 5.71
C LEU D 260 -39.46 7.74 7.04
N LEU D 261 -40.46 7.88 7.90
CA LEU D 261 -40.31 7.24 9.20
C LEU D 261 -40.22 5.72 9.06
N VAL D 262 -41.07 5.14 8.21
CA VAL D 262 -41.07 3.69 7.99
C VAL D 262 -39.77 3.24 7.32
N TYR D 263 -39.32 3.99 6.30
CA TYR D 263 -38.06 3.61 5.70
C TYR D 263 -36.99 3.57 6.78
N THR D 264 -37.00 4.55 7.69
CA THR D 264 -35.98 4.60 8.73
C THR D 264 -36.10 3.37 9.65
N VAL D 265 -37.33 3.02 10.06
CA VAL D 265 -37.44 1.92 11.01
C VAL D 265 -37.06 0.60 10.33
N THR D 266 -37.45 0.40 9.09
CA THR D 266 -37.03 -0.81 8.40
C THR D 266 -35.51 -0.85 8.23
N LEU D 267 -34.90 0.29 7.93
CA LEU D 267 -33.45 0.36 7.78
C LEU D 267 -32.75 -0.12 9.03
N ILE D 268 -33.15 0.44 10.17
CA ILE D 268 -32.50 0.02 11.39
C ILE D 268 -32.86 -1.44 11.70
N ASN D 269 -34.06 -1.88 11.36
CA ASN D 269 -34.42 -3.27 11.62
C ASN D 269 -33.44 -4.16 10.85
N LYS D 270 -33.35 -3.94 9.55
CA LYS D 270 -32.52 -4.68 8.64
C LYS D 270 -31.03 -4.48 8.90
N THR D 271 -30.67 -3.48 9.68
CA THR D 271 -29.31 -3.39 10.17
C THR D 271 -29.14 -4.33 11.35
N LEU D 272 -30.21 -4.44 12.16
CA LEU D 272 -30.28 -5.35 13.31
C LEU D 272 -30.24 -6.83 12.93
N ALA D 273 -30.88 -7.23 11.83
CA ALA D 273 -31.03 -8.65 11.57
C ALA D 273 -29.74 -9.39 11.22
N ALA D 274 -28.59 -8.73 11.07
CA ALA D 274 -27.39 -9.39 10.58
C ALA D 274 -26.25 -9.56 11.60
N LEU D 275 -26.54 -9.75 12.93
CA LEU D 275 -25.40 -10.05 13.83
C LEU D 275 -25.68 -10.95 15.05
N PRO D 276 -25.02 -12.12 15.18
CA PRO D 276 -25.27 -12.96 16.38
C PRO D 276 -24.64 -12.42 17.65
N ASP D 277 -23.54 -11.65 17.52
CA ASP D 277 -22.88 -11.05 18.67
C ASP D 277 -23.85 -10.14 19.41
N GLN D 278 -24.15 -10.50 20.67
CA GLN D 278 -24.97 -9.66 21.56
C GLN D 278 -24.22 -8.54 22.28
N ASP D 279 -22.88 -8.56 22.29
CA ASP D 279 -22.14 -7.58 23.09
C ASP D 279 -22.03 -6.21 22.41
N SER D 280 -21.63 -6.16 21.14
CA SER D 280 -21.73 -4.88 20.43
C SER D 280 -23.19 -4.46 20.34
N PHE D 281 -24.10 -5.43 20.25
CA PHE D 281 -25.54 -5.18 20.31
C PHE D 281 -25.87 -4.33 21.54
N TYR D 282 -25.45 -4.80 22.72
CA TYR D 282 -25.75 -4.11 23.98
C TYR D 282 -25.06 -2.74 24.02
N ASP D 283 -23.83 -2.67 23.53
CA ASP D 283 -23.11 -1.40 23.38
C ASP D 283 -23.98 -0.38 22.65
N VAL D 284 -24.52 -0.81 21.51
CA VAL D 284 -25.23 0.12 20.65
C VAL D 284 -26.55 0.50 21.29
N THR D 285 -27.30 -0.49 21.77
CA THR D 285 -28.61 -0.19 22.33
C THR D 285 -28.51 0.69 23.58
N ASP D 286 -27.40 0.62 24.32
CA ASP D 286 -27.18 1.65 25.33
C ASP D 286 -27.06 3.01 24.67
N ALA D 287 -26.18 3.13 23.66
CA ALA D 287 -26.06 4.42 22.94
C ALA D 287 -27.42 4.97 22.50
N LEU D 288 -28.40 4.11 22.23
CA LEU D 288 -29.75 4.50 21.81
C LEU D 288 -30.67 4.80 22.98
N GLU D 289 -30.64 3.96 24.01
CA GLU D 289 -31.44 4.19 25.20
C GLU D 289 -31.04 5.50 25.85
N GLN D 290 -29.77 5.88 25.70
CA GLN D 290 -29.33 7.19 26.13
C GLN D 290 -30.14 8.30 25.47
N GLN D 291 -30.28 8.24 24.16
CA GLN D 291 -30.88 9.37 23.46
C GLN D 291 -32.40 9.54 23.62
N GLY D 292 -33.14 8.54 24.11
CA GLY D 292 -34.52 8.81 24.49
C GLY D 292 -35.55 7.89 23.84
N MET D 293 -35.04 6.88 23.14
CA MET D 293 -35.83 6.12 22.16
C MET D 293 -37.17 5.62 22.73
N GLU D 294 -37.17 5.20 24.00
CA GLU D 294 -38.33 4.52 24.56
C GLU D 294 -39.57 5.39 24.63
N ALA D 295 -39.43 6.64 25.06
CA ALA D 295 -40.59 7.53 25.08
C ALA D 295 -41.14 7.80 23.69
N LEU D 296 -40.26 8.04 22.71
CA LEU D 296 -40.71 8.24 21.34
C LEU D 296 -41.51 7.03 20.84
N VAL D 297 -40.94 5.83 21.03
CA VAL D 297 -41.62 4.59 20.67
C VAL D 297 -42.98 4.49 21.36
N GLN D 298 -42.98 4.70 22.67
CA GLN D 298 -44.20 4.57 23.46
C GLN D 298 -45.31 5.47 22.93
N ARG D 299 -45.05 6.79 22.84
CA ARG D 299 -46.12 7.71 22.45
C ARG D 299 -46.57 7.53 21.00
N HIS D 300 -45.68 7.11 20.11
CA HIS D 300 -46.12 6.88 18.74
C HIS D 300 -46.92 5.61 18.60
N LEU D 301 -46.50 4.54 19.28
CA LEU D 301 -47.32 3.34 19.28
C LEU D 301 -48.68 3.56 19.93
N GLY D 302 -48.85 4.67 20.64
CA GLY D 302 -50.11 4.98 21.28
C GLY D 302 -51.04 5.36 20.16
N THR D 303 -50.73 6.48 19.51
CA THR D 303 -51.56 7.02 18.44
C THR D 303 -51.86 5.94 17.40
N ALA D 304 -53.15 5.77 17.11
CA ALA D 304 -53.70 4.95 16.03
C ALA D 304 -53.50 5.53 14.63
N GLY D 305 -53.03 6.77 14.51
CA GLY D 305 -52.65 7.32 13.22
C GLY D 305 -51.44 6.71 12.55
N THR D 306 -50.61 5.94 13.26
CA THR D 306 -49.49 5.30 12.58
C THR D 306 -50.00 4.43 11.43
N ASP D 307 -49.25 4.40 10.34
CA ASP D 307 -49.60 3.64 9.15
C ASP D 307 -49.30 2.17 9.45
N VAL D 308 -50.08 1.27 8.86
CA VAL D 308 -50.05 -0.12 9.32
C VAL D 308 -48.70 -0.78 9.06
N ASP D 309 -48.11 -0.56 7.89
CA ASP D 309 -46.82 -1.19 7.59
C ASP D 309 -45.73 -0.67 8.53
N LEU D 310 -45.68 0.65 8.71
CA LEU D 310 -44.75 1.24 9.68
C LEU D 310 -44.92 0.56 11.03
N ARG D 311 -46.18 0.41 11.43
CA ARG D 311 -46.48 -0.21 12.71
C ARG D 311 -45.95 -1.65 12.75
N THR D 312 -46.13 -2.42 11.67
CA THR D 312 -45.65 -3.80 11.62
C THR D 312 -44.13 -3.88 11.80
N GLN D 313 -43.39 -3.04 11.07
CA GLN D 313 -41.94 -3.09 11.25
C GLN D 313 -41.48 -2.57 12.63
N LEU D 314 -42.22 -1.68 13.25
CA LEU D 314 -41.78 -1.31 14.58
C LEU D 314 -42.14 -2.39 15.62
N VAL D 315 -43.24 -3.13 15.44
CA VAL D 315 -43.44 -4.28 16.32
C VAL D 315 -42.43 -5.39 16.04
N LEU D 316 -41.94 -5.49 14.80
CA LEU D 316 -40.77 -6.33 14.55
C LEU D 316 -39.59 -5.88 15.40
N TYR D 317 -39.41 -4.56 15.53
CA TYR D 317 -38.42 -4.05 16.48
C TYR D 317 -38.66 -4.61 17.86
N GLU D 318 -39.85 -4.40 18.39
CA GLU D 318 -40.07 -4.70 19.81
C GLU D 318 -39.93 -6.19 20.06
N ASN D 319 -40.41 -7.01 19.12
CA ASN D 319 -40.34 -8.46 19.27
C ASN D 319 -38.91 -8.94 19.33
N ALA D 320 -37.98 -8.20 18.72
CA ALA D 320 -36.59 -8.61 18.75
C ALA D 320 -36.11 -8.68 20.19
N LEU D 321 -36.37 -7.63 20.94
CA LEU D 321 -35.98 -7.53 22.33
C LEU D 321 -36.89 -8.37 23.22
#